data_4AW3
#
_entry.id   4AW3
#
_cell.length_a   55.455
_cell.length_b   56.107
_cell.length_c   76.422
_cell.angle_alpha   90.43
_cell.angle_beta   97.22
_cell.angle_gamma   102.11
#
_symmetry.space_group_name_H-M   'P 1'
#
loop_
_entity.id
_entity.type
_entity.pdbx_description
1 polymer 'P-450-LIKE PROTEIN'
2 non-polymer 'PROTOPORPHYRIN IX CONTAINING FE'
3 non-polymer 'MYCINAMICIN V'
4 non-polymer 'SULFATE ION'
5 non-polymer GLYCEROL
6 water water
#
_entity_poly.entity_id   1
_entity_poly.type   'polypeptide(L)'
_entity_poly.pdbx_seq_one_letter_code
;MGSSHHHHHHSSGLVPRGSHMTSAEPRAYPFNDVHGLTLAGRYGELQETEPVSRVRPPYGEEAWLVTRYEDVRAVLGDGR
FVRGPSMTRDEPRTRPEMVKGGLLSMDPPEHSRLRRLVVKAFTARRAESLRPRAREIAHELVDQMAATGQPADLVAMFAR
QLPVRVICELLGVPSADHDRFTRWSGAFLSTAEVTAEEMQEAAEQAYAYMGDLIDRRRKEPTDDLVSALVQARDQQDSLS
EQELLDLAIGLLVAGYESTTTQIADFVYLLMTRPELRRQLLDRPELIPSAVEELTRWVPLGVGTAVPRYAVEDVTLRGVT
IRAGEPVLASTGAANRDQAQFPDADRIDVDRTPNQHLGFGHGVHHCLGAPLARVELQVALEVLLQRLPGIRLGIPETQLR
WSEGMLLRGPLELPVVW
;
_entity_poly.pdbx_strand_id   A,B
#
# COMPACT_ATOMS: atom_id res chain seq x y z
N GLU A 25 -0.35 2.99 23.51
CA GLU A 25 0.16 4.39 23.41
C GLU A 25 1.37 4.67 22.45
N PRO A 26 2.35 3.75 22.34
CA PRO A 26 3.23 3.99 21.16
C PRO A 26 2.51 3.66 19.82
N ARG A 27 2.90 4.29 18.71
CA ARG A 27 2.22 3.99 17.43
C ARG A 27 2.68 2.63 16.91
N ALA A 28 1.77 1.92 16.23
CA ALA A 28 2.15 0.69 15.58
C ALA A 28 3.01 1.06 14.39
N TYR A 29 4.15 0.40 14.27
CA TYR A 29 5.12 0.69 13.21
C TYR A 29 5.48 -0.66 12.60
N PRO A 30 5.86 -0.73 11.29
CA PRO A 30 6.01 0.27 10.22
C PRO A 30 4.70 0.94 9.83
N PHE A 31 4.85 2.15 9.30
CA PHE A 31 3.82 2.98 8.68
C PHE A 31 3.65 2.66 7.17
N ASN A 32 4.78 2.43 6.46
CA ASN A 32 4.77 2.20 5.02
C ASN A 32 3.96 0.96 4.75
N ASP A 33 3.12 1.02 3.71
CA ASP A 33 2.36 -0.09 3.19
C ASP A 33 3.27 -0.74 2.18
N VAL A 34 3.51 -2.04 2.29
CA VAL A 34 4.54 -2.65 1.42
C VAL A 34 4.07 -2.79 -0.02
N HIS A 35 2.75 -2.65 -0.24
CA HIS A 35 2.20 -2.86 -1.62
C HIS A 35 2.41 -1.68 -2.51
N GLY A 36 3.65 -1.25 -2.66
CA GLY A 36 3.88 -0.02 -3.38
C GLY A 36 5.07 0.71 -2.84
N LEU A 37 5.34 1.90 -3.35
CA LEU A 37 6.49 2.67 -2.95
C LEU A 37 6.12 4.00 -2.30
N THR A 38 4.85 4.13 -1.97
CA THR A 38 4.28 5.43 -1.50
C THR A 38 4.84 5.65 -0.10
N LEU A 39 5.22 6.89 0.20
CA LEU A 39 5.69 7.22 1.53
C LEU A 39 4.48 7.43 2.46
N ALA A 40 4.44 6.68 3.57
CA ALA A 40 3.37 6.85 4.61
C ALA A 40 3.21 8.31 4.95
N GLY A 41 1.96 8.81 4.93
CA GLY A 41 1.67 10.18 5.34
C GLY A 41 2.05 10.47 6.81
N ARG A 42 2.16 9.44 7.65
CA ARG A 42 2.46 9.65 9.11
C ARG A 42 3.84 10.19 9.37
N TYR A 43 4.74 9.98 8.42
CA TYR A 43 6.05 10.52 8.53
C TYR A 43 6.08 12.04 8.46
N GLY A 44 5.32 12.63 7.49
CA GLY A 44 5.25 14.09 7.33
C GLY A 44 4.59 14.71 8.54
N GLU A 45 3.58 14.03 9.06
CA GLU A 45 2.92 14.51 10.27
C GLU A 45 3.92 14.50 11.47
N LEU A 46 4.62 13.37 11.68
CA LEU A 46 5.72 13.31 12.71
C LEU A 46 6.85 14.31 12.53
N GLN A 47 7.31 14.52 11.28
CA GLN A 47 8.40 15.41 11.05
C GLN A 47 8.03 16.81 11.51
N GLU A 48 6.74 17.10 11.47
CA GLU A 48 6.32 18.44 11.90
C GLU A 48 6.00 18.46 13.41
N THR A 49 5.39 17.41 13.95
CA THR A 49 4.85 17.49 15.33
C THR A 49 5.53 16.63 16.43
N GLU A 50 6.25 15.58 16.05
CA GLU A 50 6.82 14.66 17.03
C GLU A 50 7.95 13.93 16.34
N PRO A 51 9.03 14.67 16.06
CA PRO A 51 10.11 14.16 15.24
C PRO A 51 10.87 12.97 15.87
N VAL A 52 10.85 12.87 17.19
CA VAL A 52 11.34 11.69 17.92
C VAL A 52 10.20 11.04 18.75
N SER A 53 9.75 9.82 18.41
CA SER A 53 8.52 9.32 19.01
C SER A 53 8.62 7.85 19.28
N ARG A 54 7.59 7.31 19.93
CA ARG A 54 7.57 5.91 20.42
C ARG A 54 6.76 5.07 19.48
N VAL A 55 7.36 3.96 19.08
CA VAL A 55 6.67 3.09 18.19
C VAL A 55 6.71 1.74 18.78
N ARG A 56 5.73 0.89 18.42
CA ARG A 56 5.72 -0.53 18.72
C ARG A 56 5.80 -1.36 17.40
N PRO A 57 6.91 -2.10 17.16
CA PRO A 57 7.08 -2.87 15.94
C PRO A 57 6.38 -4.21 16.00
N PRO A 58 6.36 -5.00 14.88
CA PRO A 58 5.72 -6.31 14.98
C PRO A 58 6.35 -7.24 16.02
N TYR A 59 7.68 -7.29 16.04
CA TYR A 59 8.41 -8.10 17.02
C TYR A 59 9.44 -7.23 17.72
N GLY A 60 9.81 -7.67 18.92
CA GLY A 60 10.88 -7.02 19.68
C GLY A 60 10.39 -5.85 20.50
N GLU A 61 11.33 -5.13 21.09
CA GLU A 61 11.04 -4.07 22.04
C GLU A 61 10.43 -2.83 21.39
N GLU A 62 9.62 -2.12 22.15
CA GLU A 62 9.27 -0.75 21.82
C GLU A 62 10.51 0.14 21.57
N ALA A 63 10.41 1.16 20.73
CA ALA A 63 11.66 1.85 20.35
C ALA A 63 11.36 3.30 20.08
N TRP A 64 12.41 4.08 19.96
CA TRP A 64 12.25 5.46 19.47
C TRP A 64 12.33 5.54 17.91
N LEU A 65 11.35 6.19 17.25
CA LEU A 65 11.47 6.54 15.82
C LEU A 65 11.94 7.96 15.59
N VAL A 66 13.03 8.10 14.81
CA VAL A 66 13.61 9.34 14.37
C VAL A 66 13.36 9.53 12.85
N THR A 67 12.89 10.75 12.45
CA THR A 67 12.27 10.98 11.12
C THR A 67 12.86 12.11 10.29
N ARG A 68 13.44 13.12 10.95
CA ARG A 68 13.95 14.23 10.24
C ARG A 68 15.34 13.94 9.79
N TYR A 69 15.69 14.59 8.69
CA TYR A 69 16.96 14.42 8.08
C TYR A 69 18.10 14.75 9.03
N GLU A 70 18.07 15.94 9.66
CA GLU A 70 19.16 16.23 10.60
C GLU A 70 19.34 15.25 11.71
N ASP A 71 18.23 14.77 12.26
CA ASP A 71 18.29 13.82 13.36
C ASP A 71 18.74 12.43 12.92
N VAL A 72 18.20 11.92 11.81
CA VAL A 72 18.64 10.65 11.28
C VAL A 72 20.14 10.70 11.02
N ARG A 73 20.61 11.77 10.40
CA ARG A 73 22.01 11.92 10.07
C ARG A 73 22.88 11.99 11.37
N ALA A 74 22.40 12.72 12.40
CA ALA A 74 23.12 12.83 13.69
C ALA A 74 23.23 11.46 14.31
N VAL A 75 22.12 10.71 14.33
CA VAL A 75 22.14 9.40 14.92
C VAL A 75 23.14 8.47 14.25
N LEU A 76 23.06 8.34 12.92
CA LEU A 76 23.91 7.41 12.21
C LEU A 76 25.41 7.76 12.26
N GLY A 77 25.75 9.03 12.39
CA GLY A 77 27.13 9.45 12.51
C GLY A 77 27.65 9.79 13.93
N ASP A 78 26.86 9.47 14.96
CA ASP A 78 27.23 9.75 16.34
C ASP A 78 27.70 8.43 16.97
N GLY A 79 28.96 8.35 17.36
CA GLY A 79 29.51 7.09 17.90
C GLY A 79 28.88 6.72 19.25
N ARG A 80 28.08 7.64 19.80
CA ARG A 80 27.25 7.24 20.98
C ARG A 80 26.07 6.28 20.68
N PHE A 81 25.86 5.92 19.40
CA PHE A 81 24.79 5.02 19.08
C PHE A 81 25.44 3.81 18.45
N VAL A 82 25.29 2.67 19.11
CA VAL A 82 26.02 1.47 18.73
C VAL A 82 25.10 0.36 18.27
N ARG A 83 25.70 -0.72 17.77
CA ARG A 83 24.98 -1.81 17.13
C ARG A 83 25.21 -3.04 17.92
N GLY A 84 26.31 -3.08 18.66
CA GLY A 84 26.67 -4.22 19.49
C GLY A 84 25.61 -4.85 20.36
N PRO A 85 24.78 -4.06 21.06
CA PRO A 85 23.68 -4.79 21.78
C PRO A 85 22.72 -5.67 20.91
N SER A 86 22.75 -5.52 19.56
CA SER A 86 21.87 -6.29 18.67
C SER A 86 22.15 -7.78 18.82
N MET A 87 23.38 -8.13 19.20
CA MET A 87 23.77 -9.55 19.44
C MET A 87 22.97 -10.22 20.56
N THR A 88 22.48 -9.44 21.52
CA THR A 88 21.80 -10.10 22.65
C THR A 88 20.38 -9.58 22.93
N ARG A 89 19.94 -8.50 22.28
CA ARG A 89 18.67 -7.92 22.68
C ARG A 89 17.53 -8.46 21.83
N ASP A 90 16.32 -8.19 22.29
CA ASP A 90 15.14 -8.56 21.54
C ASP A 90 14.77 -7.40 20.55
N GLU A 91 15.48 -7.35 19.42
CA GLU A 91 15.48 -6.18 18.54
C GLU A 91 14.13 -5.89 17.90
N PRO A 92 13.78 -4.61 17.87
CA PRO A 92 12.62 -4.14 17.10
C PRO A 92 12.76 -4.56 15.65
N ARG A 93 11.74 -5.23 15.10
CA ARG A 93 11.89 -5.80 13.75
C ARG A 93 10.51 -6.27 13.22
N THR A 94 10.49 -6.66 11.94
CA THR A 94 9.28 -6.98 11.29
C THR A 94 9.09 -8.49 11.16
N ARG A 95 10.13 -9.26 11.42
CA ARG A 95 10.00 -10.72 11.17
C ARG A 95 10.37 -11.45 12.45
N PRO A 96 9.83 -12.66 12.68
CA PRO A 96 10.15 -13.27 13.99
C PRO A 96 11.62 -13.67 14.18
N GLU A 97 12.32 -14.14 13.16
CA GLU A 97 13.73 -14.47 13.37
C GLU A 97 14.53 -13.22 13.58
N MET A 98 15.67 -13.37 14.22
N MET A 98 15.69 -13.36 14.22
CA MET A 98 16.62 -12.30 14.16
CA MET A 98 16.64 -12.24 14.25
C MET A 98 17.73 -12.69 13.24
C MET A 98 17.87 -12.58 13.41
N VAL A 99 18.16 -11.74 12.42
CA VAL A 99 19.38 -11.92 11.60
C VAL A 99 20.49 -11.18 12.37
N LYS A 100 21.49 -11.91 12.90
CA LYS A 100 22.59 -11.32 13.71
C LYS A 100 23.94 -11.51 13.00
N GLY A 101 24.90 -10.63 13.29
CA GLY A 101 26.27 -10.86 12.82
C GLY A 101 26.65 -10.06 11.58
N GLY A 102 27.80 -10.36 11.03
CA GLY A 102 28.28 -9.50 9.96
C GLY A 102 28.68 -8.08 10.35
N LEU A 103 29.14 -7.32 9.38
CA LEU A 103 29.75 -6.04 9.64
C LEU A 103 28.78 -5.05 10.29
N LEU A 104 27.51 -5.19 9.95
CA LEU A 104 26.54 -4.25 10.42
C LEU A 104 26.23 -4.45 11.93
N SER A 105 26.66 -5.57 12.51
CA SER A 105 26.36 -5.79 13.90
C SER A 105 27.54 -5.37 14.80
N MET A 106 28.63 -4.93 14.22
CA MET A 106 29.90 -4.71 14.92
C MET A 106 30.06 -3.24 15.22
N ASP A 107 30.71 -2.90 16.31
CA ASP A 107 31.10 -1.52 16.63
C ASP A 107 32.58 -1.24 16.54
N PRO A 108 32.93 0.06 16.48
CA PRO A 108 34.34 0.44 16.63
C PRO A 108 34.89 -0.12 17.96
N PRO A 109 36.18 -0.52 18.00
CA PRO A 109 37.22 -0.51 16.94
C PRO A 109 37.29 -1.76 16.05
N GLU A 110 36.71 -2.88 16.44
CA GLU A 110 36.81 -4.08 15.60
C GLU A 110 36.09 -3.92 14.26
N HIS A 111 34.97 -3.20 14.27
CA HIS A 111 34.33 -2.85 13.00
C HIS A 111 35.32 -2.11 12.12
N SER A 112 36.01 -1.13 12.74
CA SER A 112 36.88 -0.19 12.02
C SER A 112 38.04 -0.87 11.35
N ARG A 113 38.63 -1.83 12.04
CA ARG A 113 39.70 -2.56 11.45
C ARG A 113 39.26 -3.36 10.17
N LEU A 114 38.17 -4.11 10.22
CA LEU A 114 37.70 -4.86 9.06
C LEU A 114 37.39 -3.92 7.92
N ARG A 115 36.78 -2.80 8.24
CA ARG A 115 36.30 -1.87 7.23
C ARG A 115 37.49 -1.17 6.50
N ARG A 116 38.52 -0.79 7.26
CA ARG A 116 39.73 -0.18 6.75
C ARG A 116 40.36 -1.15 5.77
N LEU A 117 40.48 -2.43 6.15
CA LEU A 117 41.02 -3.47 5.25
C LEU A 117 40.17 -3.70 3.99
N VAL A 118 38.84 -3.87 4.13
CA VAL A 118 37.97 -3.99 2.94
C VAL A 118 38.01 -2.73 2.03
N VAL A 119 37.85 -1.53 2.56
CA VAL A 119 37.82 -0.34 1.67
C VAL A 119 39.17 -0.05 0.96
N LYS A 120 40.24 -0.53 1.56
CA LYS A 120 41.54 -0.54 0.87
C LYS A 120 41.61 -1.37 -0.43
N ALA A 121 41.04 -2.58 -0.42
CA ALA A 121 40.96 -3.45 -1.60
C ALA A 121 39.72 -3.08 -2.53
N PHE A 122 38.53 -2.92 -1.92
CA PHE A 122 37.28 -2.50 -2.57
C PHE A 122 37.17 -0.96 -2.79
N THR A 123 37.87 -0.41 -3.76
CA THR A 123 37.99 1.05 -3.95
C THR A 123 36.99 1.53 -5.03
N ALA A 124 36.83 2.85 -5.20
CA ALA A 124 35.86 3.33 -6.23
C ALA A 124 36.36 3.02 -7.64
N ARG A 125 37.68 3.04 -7.78
CA ARG A 125 38.36 2.66 -8.99
C ARG A 125 37.95 1.28 -9.44
N ARG A 126 38.02 0.33 -8.51
CA ARG A 126 37.70 -1.07 -8.79
C ARG A 126 36.21 -1.17 -9.23
N ALA A 127 35.33 -0.41 -8.56
CA ALA A 127 33.90 -0.35 -8.96
C ALA A 127 33.71 0.11 -10.43
N GLU A 128 34.31 1.25 -10.73
CA GLU A 128 34.27 1.85 -12.04
C GLU A 128 34.81 0.85 -13.08
N SER A 129 35.76 0.03 -12.70
CA SER A 129 36.41 -0.85 -13.68
C SER A 129 35.46 -1.98 -14.12
N LEU A 130 34.42 -2.23 -13.33
CA LEU A 130 33.46 -3.26 -13.69
C LEU A 130 32.35 -2.74 -14.63
N ARG A 131 32.27 -1.42 -14.87
CA ARG A 131 31.17 -0.96 -15.75
C ARG A 131 31.08 -1.74 -17.11
N PRO A 132 32.21 -1.90 -17.80
CA PRO A 132 32.09 -2.55 -19.14
C PRO A 132 31.55 -3.95 -18.99
N ARG A 133 32.04 -4.72 -18.03
CA ARG A 133 31.48 -6.06 -17.81
C ARG A 133 30.00 -6.05 -17.34
N ALA A 134 29.67 -5.09 -16.45
CA ALA A 134 28.25 -4.90 -16.05
C ALA A 134 27.28 -4.61 -17.25
N ARG A 135 27.71 -3.74 -18.17
CA ARG A 135 26.96 -3.54 -19.44
C ARG A 135 26.79 -4.79 -20.29
N GLU A 136 27.88 -5.55 -20.49
CA GLU A 136 27.83 -6.84 -21.19
C GLU A 136 26.86 -7.77 -20.55
N ILE A 137 26.87 -7.85 -19.22
CA ILE A 137 25.95 -8.77 -18.52
C ILE A 137 24.52 -8.29 -18.70
N ALA A 138 24.29 -7.01 -18.52
CA ALA A 138 22.92 -6.48 -18.68
C ALA A 138 22.40 -6.76 -20.14
N HIS A 139 23.25 -6.54 -21.14
CA HIS A 139 22.87 -6.79 -22.51
C HIS A 139 22.60 -8.28 -22.74
N GLU A 140 23.42 -9.17 -22.20
CA GLU A 140 23.09 -10.57 -22.33
C GLU A 140 21.73 -10.97 -21.67
N LEU A 141 21.38 -10.32 -20.58
CA LEU A 141 20.11 -10.62 -19.87
C LEU A 141 18.95 -10.10 -20.74
N VAL A 142 19.08 -8.89 -21.26
CA VAL A 142 18.06 -8.44 -22.26
C VAL A 142 17.94 -9.38 -23.49
N ASP A 143 19.06 -9.87 -24.01
CA ASP A 143 19.01 -10.85 -25.17
C ASP A 143 18.14 -12.03 -24.78
N GLN A 144 18.33 -12.51 -23.54
CA GLN A 144 17.50 -13.66 -23.11
C GLN A 144 16.01 -13.36 -22.97
N MET A 145 15.68 -12.13 -22.56
CA MET A 145 14.34 -11.63 -22.51
C MET A 145 13.73 -11.51 -23.92
N ALA A 146 14.47 -10.88 -24.85
CA ALA A 146 14.12 -10.83 -26.28
C ALA A 146 13.80 -12.21 -26.86
N ALA A 147 14.70 -13.18 -26.67
CA ALA A 147 14.52 -14.59 -27.01
C ALA A 147 13.25 -15.26 -26.42
N THR A 148 12.95 -15.06 -25.14
CA THR A 148 11.71 -15.66 -24.60
C THR A 148 10.48 -14.94 -25.14
N GLY A 149 10.62 -13.68 -25.52
CA GLY A 149 9.51 -13.00 -26.17
C GLY A 149 8.70 -12.35 -25.07
N GLN A 150 7.78 -11.49 -25.48
CA GLN A 150 6.95 -10.74 -24.55
C GLN A 150 5.67 -11.49 -24.15
N PRO A 151 5.08 -11.19 -22.98
CA PRO A 151 5.59 -10.37 -21.89
C PRO A 151 6.69 -11.11 -21.19
N ALA A 152 7.63 -10.38 -20.66
CA ALA A 152 8.70 -11.09 -19.96
C ALA A 152 8.88 -10.53 -18.54
N ASP A 153 9.30 -11.38 -17.61
CA ASP A 153 9.37 -10.95 -16.20
C ASP A 153 10.68 -10.28 -15.93
N LEU A 154 10.67 -8.97 -15.96
CA LEU A 154 11.89 -8.23 -15.69
C LEU A 154 12.50 -8.59 -14.33
N VAL A 155 11.69 -9.00 -13.35
CA VAL A 155 12.25 -9.31 -12.06
C VAL A 155 13.09 -10.57 -12.14
N ALA A 156 12.47 -11.67 -12.58
CA ALA A 156 13.20 -12.96 -12.62
C ALA A 156 14.32 -12.90 -13.61
N MET A 157 14.14 -12.14 -14.69
CA MET A 157 15.11 -12.26 -15.81
C MET A 157 16.27 -11.27 -15.83
N PHE A 158 16.13 -10.21 -15.07
CA PHE A 158 17.12 -9.14 -15.18
C PHE A 158 17.44 -8.70 -13.75
N ALA A 159 16.44 -8.24 -12.97
CA ALA A 159 16.80 -7.59 -11.68
C ALA A 159 17.42 -8.58 -10.70
N ARG A 160 16.90 -9.82 -10.67
CA ARG A 160 17.45 -10.87 -9.78
C ARG A 160 18.72 -11.46 -10.35
N GLN A 161 19.07 -11.14 -11.61
CA GLN A 161 20.24 -11.76 -12.25
C GLN A 161 21.43 -10.85 -12.22
N LEU A 162 21.23 -9.57 -12.54
CA LEU A 162 22.36 -8.70 -12.70
C LEU A 162 23.20 -8.53 -11.45
N PRO A 163 22.57 -8.23 -10.28
CA PRO A 163 23.45 -7.85 -9.17
C PRO A 163 24.36 -8.96 -8.69
N VAL A 164 23.85 -10.20 -8.67
CA VAL A 164 24.65 -11.30 -8.21
C VAL A 164 25.78 -11.63 -9.20
N ARG A 165 25.52 -11.53 -10.51
CA ARG A 165 26.59 -11.77 -11.52
C ARG A 165 27.67 -10.70 -11.44
N VAL A 166 27.27 -9.46 -11.18
CA VAL A 166 28.25 -8.41 -11.07
C VAL A 166 29.12 -8.66 -9.82
N ILE A 167 28.50 -9.07 -8.70
CA ILE A 167 29.29 -9.29 -7.49
C ILE A 167 30.23 -10.47 -7.68
N CYS A 168 29.79 -11.53 -8.37
CA CYS A 168 30.67 -12.65 -8.71
C CYS A 168 31.89 -12.18 -9.53
N GLU A 169 31.69 -11.31 -10.51
CA GLU A 169 32.79 -10.64 -11.25
C GLU A 169 33.71 -9.81 -10.35
N LEU A 170 33.16 -8.95 -9.46
CA LEU A 170 33.97 -8.24 -8.51
C LEU A 170 34.88 -9.19 -7.66
N LEU A 171 34.30 -10.26 -7.15
CA LEU A 171 35.01 -11.12 -6.24
C LEU A 171 36.09 -11.94 -6.97
N GLY A 172 35.76 -12.34 -8.21
CA GLY A 172 36.58 -13.15 -9.07
C GLY A 172 36.09 -14.59 -9.20
N VAL A 173 34.82 -14.87 -8.97
CA VAL A 173 34.24 -16.22 -9.25
C VAL A 173 34.27 -16.45 -10.77
N PRO A 174 34.83 -17.59 -11.23
CA PRO A 174 34.84 -17.85 -12.69
C PRO A 174 33.41 -17.85 -13.20
N SER A 175 33.18 -17.35 -14.40
CA SER A 175 31.82 -17.19 -14.90
C SER A 175 31.14 -18.54 -15.15
N ALA A 176 31.92 -19.58 -15.36
CA ALA A 176 31.35 -20.94 -15.39
C ALA A 176 30.52 -21.22 -14.12
N ASP A 177 30.85 -20.57 -13.02
CA ASP A 177 30.14 -20.82 -11.77
C ASP A 177 29.03 -19.81 -11.34
N HIS A 178 28.81 -18.77 -12.15
CA HIS A 178 27.91 -17.70 -11.81
C HIS A 178 26.49 -18.16 -11.69
N ASP A 179 26.02 -19.03 -12.59
CA ASP A 179 24.67 -19.63 -12.51
C ASP A 179 24.41 -20.26 -11.16
N ARG A 180 25.38 -20.98 -10.64
CA ARG A 180 25.09 -21.66 -9.40
C ARG A 180 25.27 -20.80 -8.15
N PHE A 181 26.14 -19.78 -8.17
CA PHE A 181 26.00 -18.73 -7.19
C PHE A 181 24.65 -18.07 -7.17
N THR A 182 24.11 -17.72 -8.35
CA THR A 182 22.78 -17.13 -8.44
C THR A 182 21.72 -18.00 -7.69
N ARG A 183 21.80 -19.30 -7.90
CA ARG A 183 20.90 -20.25 -7.28
C ARG A 183 21.12 -20.37 -5.76
N TRP A 184 22.37 -20.42 -5.35
CA TRP A 184 22.62 -20.37 -3.91
C TRP A 184 22.19 -19.09 -3.27
N SER A 185 22.58 -17.94 -3.83
CA SER A 185 22.27 -16.64 -3.22
C SER A 185 20.78 -16.37 -3.20
N GLY A 186 20.05 -16.96 -4.14
CA GLY A 186 18.59 -16.87 -4.16
C GLY A 186 17.94 -17.47 -2.90
N ALA A 187 18.59 -18.45 -2.27
CA ALA A 187 18.08 -19.00 -1.02
C ALA A 187 18.14 -18.00 0.18
N PHE A 188 18.96 -16.97 0.04
CA PHE A 188 19.16 -16.01 1.10
C PHE A 188 18.28 -14.78 0.95
N LEU A 189 17.45 -14.75 -0.11
CA LEU A 189 16.47 -13.66 -0.36
C LEU A 189 15.32 -13.64 0.63
N SER A 190 14.92 -12.47 1.08
CA SER A 190 13.79 -12.40 1.98
C SER A 190 12.48 -12.82 1.30
N THR A 191 12.43 -12.87 -0.03
CA THR A 191 11.27 -13.36 -0.78
C THR A 191 11.34 -14.87 -1.05
N ALA A 192 12.43 -15.54 -0.66
CA ALA A 192 12.58 -16.93 -1.05
C ALA A 192 11.54 -17.84 -0.40
N GLU A 193 11.07 -18.83 -1.15
CA GLU A 193 10.23 -19.89 -0.56
C GLU A 193 11.10 -21.13 -0.43
N VAL A 194 11.99 -21.15 0.54
CA VAL A 194 12.85 -22.30 0.75
C VAL A 194 12.64 -22.83 2.15
N THR A 195 12.78 -24.13 2.34
CA THR A 195 12.86 -24.72 3.65
C THR A 195 14.19 -24.32 4.37
N ALA A 196 14.16 -24.16 5.69
CA ALA A 196 15.36 -23.85 6.47
C ALA A 196 16.52 -24.86 6.27
N GLU A 197 16.17 -26.09 5.92
N GLU A 197 16.16 -26.11 5.94
CA GLU A 197 17.14 -27.13 5.60
CA GLU A 197 17.08 -27.19 5.54
C GLU A 197 17.80 -26.95 4.21
C GLU A 197 17.81 -26.89 4.23
N GLU A 198 17.03 -26.50 3.22
CA GLU A 198 17.58 -26.11 1.91
C GLU A 198 18.46 -24.86 2.00
N MET A 199 18.08 -23.89 2.82
CA MET A 199 18.82 -22.65 2.93
C MET A 199 20.16 -22.93 3.61
N GLN A 200 20.12 -23.81 4.59
CA GLN A 200 21.34 -24.20 5.27
C GLN A 200 22.37 -24.91 4.37
N GLU A 201 21.91 -25.85 3.57
CA GLU A 201 22.83 -26.43 2.65
C GLU A 201 23.30 -25.47 1.52
N ALA A 202 22.44 -24.57 1.05
CA ALA A 202 22.88 -23.50 0.17
C ALA A 202 24.00 -22.71 0.85
N ALA A 203 23.85 -22.37 2.14
CA ALA A 203 24.94 -21.69 2.86
C ALA A 203 26.22 -22.54 3.02
N GLU A 204 26.09 -23.81 3.36
CA GLU A 204 27.27 -24.69 3.47
C GLU A 204 28.02 -24.80 2.12
N GLN A 205 27.30 -24.99 1.04
CA GLN A 205 27.89 -25.06 -0.26
C GLN A 205 28.52 -23.73 -0.69
N ALA A 206 27.82 -22.61 -0.51
CA ALA A 206 28.41 -21.30 -0.80
C ALA A 206 29.73 -21.08 -0.01
N TYR A 207 29.70 -21.27 1.30
CA TYR A 207 30.93 -21.13 2.09
C TYR A 207 32.08 -22.07 1.63
N ALA A 208 31.76 -23.32 1.33
CA ALA A 208 32.77 -24.31 0.95
C ALA A 208 33.45 -23.87 -0.37
N TYR A 209 32.64 -23.41 -1.35
CA TYR A 209 33.16 -22.88 -2.61
C TYR A 209 34.09 -21.72 -2.36
N MET A 210 33.63 -20.77 -1.55
CA MET A 210 34.37 -19.52 -1.36
C MET A 210 35.65 -19.77 -0.56
N GLY A 211 35.57 -20.63 0.45
CA GLY A 211 36.81 -20.95 1.17
C GLY A 211 37.84 -21.55 0.23
N ASP A 212 37.37 -22.49 -0.61
CA ASP A 212 38.22 -23.03 -1.68
C ASP A 212 38.77 -21.94 -2.62
N LEU A 213 37.96 -20.97 -3.06
CA LEU A 213 38.41 -19.94 -3.98
C LEU A 213 39.43 -18.96 -3.31
N ILE A 214 39.22 -18.65 -2.03
CA ILE A 214 40.16 -17.82 -1.29
C ILE A 214 41.53 -18.54 -1.27
N ASP A 215 41.51 -19.85 -1.09
CA ASP A 215 42.74 -20.67 -1.02
C ASP A 215 43.46 -20.66 -2.38
N ARG A 216 42.71 -20.74 -3.49
CA ARG A 216 43.27 -20.60 -4.84
C ARG A 216 43.85 -19.21 -5.12
N ARG A 217 43.14 -18.14 -4.72
CA ARG A 217 43.72 -16.82 -4.92
C ARG A 217 44.96 -16.56 -4.01
N ARG A 218 45.00 -17.10 -2.80
CA ARG A 218 46.21 -17.03 -1.96
C ARG A 218 47.44 -17.55 -2.71
N LYS A 219 47.35 -18.77 -3.22
CA LYS A 219 48.51 -19.41 -3.81
C LYS A 219 48.79 -18.81 -5.20
N GLU A 220 47.78 -18.27 -5.87
CA GLU A 220 47.95 -17.75 -7.20
C GLU A 220 47.05 -16.53 -7.47
N PRO A 221 47.54 -15.34 -7.08
CA PRO A 221 46.75 -14.10 -7.10
C PRO A 221 46.38 -13.65 -8.48
N THR A 222 45.23 -12.98 -8.60
CA THR A 222 44.67 -12.51 -9.88
C THR A 222 44.42 -11.05 -9.60
N ASP A 223 43.68 -10.36 -10.47
N ASP A 223 43.70 -10.34 -10.48
CA ASP A 223 43.38 -8.93 -10.23
CA ASP A 223 43.41 -8.91 -10.24
C ASP A 223 42.03 -8.72 -9.55
C ASP A 223 42.04 -8.72 -9.54
N ASP A 224 41.38 -9.81 -9.17
CA ASP A 224 40.03 -9.75 -8.57
C ASP A 224 40.00 -9.33 -7.04
N LEU A 225 38.79 -9.12 -6.45
CA LEU A 225 38.69 -8.58 -5.10
C LEU A 225 39.16 -9.58 -4.06
N VAL A 226 38.80 -10.84 -4.23
CA VAL A 226 39.28 -11.83 -3.31
C VAL A 226 40.79 -11.80 -3.22
N SER A 227 41.51 -11.67 -4.34
CA SER A 227 42.99 -11.62 -4.26
C SER A 227 43.48 -10.42 -3.53
N ALA A 228 42.84 -9.28 -3.79
CA ALA A 228 43.21 -8.03 -3.15
C ALA A 228 42.88 -8.02 -1.65
N LEU A 229 41.85 -8.75 -1.22
CA LEU A 229 41.60 -8.87 0.23
C LEU A 229 42.61 -9.80 0.89
N VAL A 230 42.93 -10.91 0.25
CA VAL A 230 43.96 -11.82 0.73
C VAL A 230 45.27 -11.04 0.98
N GLN A 231 45.53 -10.02 0.19
CA GLN A 231 46.81 -9.39 0.35
C GLN A 231 46.76 -7.96 0.89
N ALA A 232 45.56 -7.44 1.20
CA ALA A 232 45.46 -6.11 1.83
C ALA A 232 46.16 -6.12 3.21
N ARG A 233 46.83 -5.00 3.49
CA ARG A 233 47.60 -4.81 4.74
C ARG A 233 47.30 -3.41 5.18
N ASP A 234 47.22 -3.19 6.47
CA ASP A 234 46.96 -1.84 6.98
C ASP A 234 47.62 -1.72 8.32
N GLN A 235 48.38 -0.65 8.51
CA GLN A 235 49.38 -0.69 9.55
C GLN A 235 50.05 -2.05 9.30
N GLN A 236 49.98 -2.98 10.26
CA GLN A 236 50.55 -4.31 10.08
C GLN A 236 49.50 -5.45 10.02
N ASP A 237 48.22 -5.11 10.17
N ASP A 237 48.21 -5.12 10.22
CA ASP A 237 47.16 -6.13 10.15
CA ASP A 237 47.16 -6.15 10.18
C ASP A 237 46.81 -6.66 8.75
C ASP A 237 46.63 -6.57 8.79
N SER A 238 46.11 -7.78 8.72
CA SER A 238 45.57 -8.36 7.50
C SER A 238 44.35 -9.13 7.92
N LEU A 239 43.46 -9.45 6.98
CA LEU A 239 42.28 -10.23 7.31
C LEU A 239 42.69 -11.67 7.57
N SER A 240 42.09 -12.31 8.57
CA SER A 240 42.35 -13.74 8.86
C SER A 240 41.59 -14.64 7.88
N GLU A 241 41.81 -15.97 7.93
CA GLU A 241 41.06 -16.87 6.99
C GLU A 241 39.55 -16.73 7.16
N GLN A 242 39.09 -16.77 8.41
CA GLN A 242 37.69 -16.73 8.72
C GLN A 242 37.09 -15.36 8.36
N GLU A 243 37.80 -14.28 8.65
CA GLU A 243 37.37 -12.94 8.28
C GLU A 243 37.19 -12.75 6.77
N LEU A 244 38.17 -13.21 6.00
CA LEU A 244 38.11 -13.24 4.54
C LEU A 244 36.83 -13.95 4.08
N LEU A 245 36.60 -15.13 4.64
CA LEU A 245 35.54 -15.96 4.23
C LEU A 245 34.21 -15.32 4.60
N ASP A 246 34.09 -14.74 5.81
CA ASP A 246 32.82 -14.10 6.18
C ASP A 246 32.57 -12.84 5.33
N LEU A 247 33.63 -12.16 4.96
CA LEU A 247 33.51 -10.82 4.42
C LEU A 247 33.13 -11.00 2.95
N ALA A 248 33.76 -11.99 2.30
CA ALA A 248 33.38 -12.37 0.93
C ALA A 248 31.93 -12.79 0.80
N ILE A 249 31.48 -13.76 1.63
CA ILE A 249 30.08 -14.08 1.65
C ILE A 249 29.14 -12.90 2.00
N GLY A 250 29.54 -12.08 2.98
CA GLY A 250 28.76 -10.92 3.42
C GLY A 250 28.58 -9.96 2.27
N LEU A 251 29.64 -9.73 1.50
CA LEU A 251 29.54 -8.76 0.40
C LEU A 251 28.53 -9.25 -0.64
N LEU A 252 28.45 -10.56 -0.81
CA LEU A 252 27.59 -11.18 -1.77
C LEU A 252 26.15 -10.98 -1.32
N VAL A 253 25.84 -11.38 -0.09
CA VAL A 253 24.52 -11.14 0.48
C VAL A 253 24.14 -9.65 0.62
N ALA A 254 25.03 -8.82 1.16
CA ALA A 254 24.79 -7.39 1.30
C ALA A 254 24.46 -6.72 -0.03
N GLY A 255 25.19 -7.15 -1.06
CA GLY A 255 25.17 -6.65 -2.38
C GLY A 255 24.00 -7.12 -3.27
N TYR A 256 23.32 -8.19 -2.93
CA TYR A 256 22.45 -8.81 -3.86
C TYR A 256 21.03 -8.21 -3.71
N GLU A 257 20.36 -8.55 -2.62
CA GLU A 257 18.94 -8.19 -2.51
C GLU A 257 18.61 -6.76 -2.61
N SER A 258 19.41 -5.89 -1.98
N SER A 258 19.39 -5.87 -1.96
CA SER A 258 19.17 -4.45 -2.01
CA SER A 258 19.13 -4.45 -2.03
C SER A 258 19.32 -3.85 -3.41
C SER A 258 19.22 -3.99 -3.49
N THR A 259 20.30 -4.35 -4.16
CA THR A 259 20.48 -3.93 -5.52
C THR A 259 19.35 -4.40 -6.47
N THR A 260 19.02 -5.68 -6.36
CA THR A 260 17.94 -6.24 -7.12
C THR A 260 16.64 -5.50 -6.90
N THR A 261 16.38 -5.09 -5.65
CA THR A 261 15.06 -4.53 -5.33
C THR A 261 15.01 -3.13 -5.93
N GLN A 262 16.11 -2.39 -5.78
CA GLN A 262 16.19 -1.01 -6.20
C GLN A 262 16.17 -0.94 -7.77
N ILE A 263 16.80 -1.87 -8.46
CA ILE A 263 16.58 -1.95 -9.92
C ILE A 263 15.06 -2.14 -10.27
N ALA A 264 14.45 -3.17 -9.68
CA ALA A 264 13.04 -3.46 -9.86
C ALA A 264 12.23 -2.23 -9.57
N ASP A 265 12.56 -1.51 -8.48
CA ASP A 265 11.86 -0.25 -8.17
C ASP A 265 12.11 0.89 -9.16
N PHE A 266 13.33 1.03 -9.61
CA PHE A 266 13.56 2.08 -10.56
C PHE A 266 12.91 1.82 -11.90
N VAL A 267 12.83 0.60 -12.32
CA VAL A 267 12.21 0.33 -13.60
C VAL A 267 10.69 0.53 -13.50
N TYR A 268 10.15 0.01 -12.40
CA TYR A 268 8.76 0.20 -12.08
C TYR A 268 8.38 1.70 -12.17
N LEU A 269 9.21 2.57 -11.61
CA LEU A 269 8.98 3.98 -11.70
C LEU A 269 9.13 4.54 -13.10
N LEU A 270 10.16 4.12 -13.83
CA LEU A 270 10.24 4.50 -15.23
C LEU A 270 8.99 4.12 -16.08
N MET A 271 8.43 2.94 -15.82
CA MET A 271 7.21 2.47 -16.42
C MET A 271 5.90 3.15 -16.01
N THR A 272 5.86 3.77 -14.83
CA THR A 272 4.64 4.36 -14.33
C THR A 272 4.71 5.86 -14.21
N ARG A 273 5.89 6.45 -14.39
CA ARG A 273 6.05 7.92 -14.30
C ARG A 273 6.56 8.42 -15.68
N PRO A 274 5.64 8.76 -16.61
CA PRO A 274 6.03 8.94 -18.03
C PRO A 274 6.99 10.09 -18.22
N GLU A 275 6.91 11.14 -17.38
CA GLU A 275 7.80 12.34 -17.57
C GLU A 275 9.26 11.90 -17.24
N LEU A 276 9.37 10.94 -16.37
CA LEU A 276 10.68 10.48 -16.00
C LEU A 276 11.29 9.64 -17.13
N ARG A 277 10.56 8.69 -17.67
CA ARG A 277 11.09 7.91 -18.76
C ARG A 277 11.51 8.82 -19.97
N ARG A 278 10.65 9.78 -20.32
CA ARG A 278 10.90 10.68 -21.45
C ARG A 278 12.21 11.42 -21.19
N GLN A 279 12.38 11.99 -20.00
CA GLN A 279 13.61 12.69 -19.74
C GLN A 279 14.90 11.93 -19.89
N LEU A 280 14.93 10.65 -19.54
CA LEU A 280 16.18 9.93 -19.57
C LEU A 280 16.42 9.38 -20.97
N LEU A 281 15.35 9.29 -21.74
CA LEU A 281 15.49 8.87 -23.17
C LEU A 281 16.05 10.04 -23.91
N ASP A 282 15.54 11.22 -23.61
CA ASP A 282 16.02 12.44 -24.25
C ASP A 282 17.48 12.73 -23.93
N ARG A 283 17.87 12.52 -22.67
CA ARG A 283 19.18 12.94 -22.22
C ARG A 283 19.82 11.86 -21.37
N PRO A 284 20.24 10.75 -22.01
CA PRO A 284 20.84 9.68 -21.20
C PRO A 284 22.00 10.12 -20.29
N GLU A 285 22.51 11.34 -20.50
CA GLU A 285 23.63 11.80 -19.66
C GLU A 285 23.16 12.17 -18.27
N LEU A 286 21.83 12.25 -18.07
CA LEU A 286 21.27 12.48 -16.76
C LEU A 286 21.11 11.25 -15.87
N ILE A 287 21.44 10.08 -16.40
CA ILE A 287 21.25 8.83 -15.65
C ILE A 287 21.99 8.79 -14.29
N PRO A 288 23.33 9.10 -14.26
CA PRO A 288 23.96 9.08 -12.92
C PRO A 288 23.24 10.00 -11.93
N SER A 289 22.87 11.21 -12.34
CA SER A 289 22.11 12.10 -11.47
C SER A 289 20.71 11.58 -11.13
N ALA A 290 20.07 10.87 -12.08
CA ALA A 290 18.79 10.24 -11.88
C ALA A 290 18.90 9.07 -10.89
N VAL A 291 19.95 8.27 -10.99
CA VAL A 291 20.16 7.28 -9.96
C VAL A 291 20.27 7.92 -8.52
N GLU A 292 20.94 9.06 -8.32
CA GLU A 292 21.01 9.61 -7.00
C GLU A 292 19.66 10.10 -6.55
N GLU A 293 18.90 10.76 -7.43
CA GLU A 293 17.58 11.26 -7.12
C GLU A 293 16.55 10.15 -6.88
N LEU A 294 16.62 9.04 -7.63
CA LEU A 294 15.74 7.95 -7.25
C LEU A 294 16.12 7.23 -5.91
N THR A 295 17.40 7.11 -5.61
CA THR A 295 17.86 6.52 -4.36
C THR A 295 17.35 7.38 -3.14
N ARG A 296 17.36 8.68 -3.34
CA ARG A 296 16.77 9.58 -2.42
C ARG A 296 15.26 9.43 -2.24
N TRP A 297 14.51 9.46 -3.34
CA TRP A 297 13.06 9.49 -3.29
C TRP A 297 12.42 8.15 -2.95
N VAL A 298 12.98 7.04 -3.42
CA VAL A 298 12.34 5.76 -3.13
C VAL A 298 12.57 5.37 -1.66
N PRO A 299 11.49 5.32 -0.83
CA PRO A 299 11.60 4.83 0.54
C PRO A 299 11.56 3.29 0.44
N LEU A 300 12.73 2.77 0.18
CA LEU A 300 12.97 1.40 -0.09
C LEU A 300 12.66 0.50 1.07
N GLY A 301 13.03 0.94 2.25
CA GLY A 301 12.83 0.12 3.43
C GLY A 301 11.36 0.13 3.81
N VAL A 302 10.84 -1.04 4.20
CA VAL A 302 9.57 -1.12 4.95
C VAL A 302 9.67 -0.21 6.21
N GLY A 303 10.71 -0.40 7.03
CA GLY A 303 10.86 0.48 8.16
C GLY A 303 12.13 1.26 8.06
N THR A 304 12.94 1.22 9.13
CA THR A 304 14.05 2.11 9.28
C THR A 304 15.38 1.37 9.11
N ALA A 305 16.51 2.07 9.21
CA ALA A 305 17.83 1.43 9.42
C ALA A 305 17.75 0.51 10.70
N VAL A 306 18.57 -0.55 10.74
CA VAL A 306 18.63 -1.48 11.86
C VAL A 306 18.85 -0.64 13.13
N PRO A 307 18.21 -1.03 14.24
CA PRO A 307 18.28 -0.23 15.47
C PRO A 307 19.71 0.07 15.97
N ARG A 308 19.83 1.30 16.42
CA ARG A 308 20.97 1.72 17.18
C ARG A 308 20.61 1.79 18.64
N TYR A 309 21.62 1.64 19.51
CA TYR A 309 21.36 1.68 20.96
C TYR A 309 22.19 2.78 21.58
N ALA A 310 21.53 3.55 22.45
CA ALA A 310 22.22 4.66 23.14
C ALA A 310 23.32 4.09 24.08
N VAL A 311 24.58 4.53 24.00
CA VAL A 311 25.57 4.03 24.97
C VAL A 311 25.39 4.65 26.35
N GLU A 312 24.82 5.84 26.39
CA GLU A 312 24.52 6.55 27.64
C GLU A 312 23.31 7.41 27.35
N ASP A 313 22.78 8.13 28.37
CA ASP A 313 21.67 9.09 28.16
C ASP A 313 22.12 10.16 27.20
N VAL A 314 21.31 10.38 26.16
CA VAL A 314 21.58 11.38 25.14
C VAL A 314 20.26 12.17 24.95
N THR A 315 20.35 13.47 24.77
CA THR A 315 19.16 14.24 24.45
C THR A 315 19.16 14.49 22.96
N LEU A 316 18.07 14.12 22.32
CA LEU A 316 17.94 14.36 20.90
C LEU A 316 16.76 15.30 20.66
N ARG A 317 17.07 16.55 20.38
CA ARG A 317 16.06 17.60 20.10
C ARG A 317 15.00 17.74 21.20
N GLY A 318 15.48 17.85 22.43
CA GLY A 318 14.60 17.87 23.60
C GLY A 318 14.13 16.56 24.21
N VAL A 319 14.29 15.40 23.54
CA VAL A 319 13.80 14.14 24.16
C VAL A 319 14.99 13.31 24.59
N THR A 320 14.98 12.84 25.82
CA THR A 320 16.13 12.09 26.34
C THR A 320 15.97 10.63 26.02
N ILE A 321 16.91 10.07 25.27
CA ILE A 321 16.94 8.65 25.00
C ILE A 321 17.81 8.07 26.11
N ARG A 322 17.27 7.20 26.95
CA ARG A 322 18.15 6.63 28.03
C ARG A 322 19.13 5.58 27.51
N ALA A 323 20.22 5.38 28.24
CA ALA A 323 21.24 4.42 27.93
C ALA A 323 20.57 3.09 27.57
N GLY A 324 20.98 2.44 26.50
CA GLY A 324 20.42 1.12 26.11
C GLY A 324 19.07 1.05 25.36
N GLU A 325 18.34 2.18 25.26
CA GLU A 325 17.08 2.25 24.47
C GLU A 325 17.37 2.15 22.99
N PRO A 326 16.57 1.33 22.24
CA PRO A 326 16.78 1.26 20.77
C PRO A 326 16.21 2.48 20.02
N VAL A 327 16.95 2.89 18.98
CA VAL A 327 16.57 4.02 18.09
C VAL A 327 16.44 3.53 16.64
N LEU A 328 15.28 3.83 16.04
CA LEU A 328 14.98 3.46 14.67
C LEU A 328 15.07 4.75 13.86
N ALA A 329 16.13 4.87 13.06
CA ALA A 329 16.38 6.10 12.30
C ALA A 329 15.92 5.88 10.84
N SER A 330 14.85 6.57 10.38
CA SER A 330 14.29 6.31 9.04
C SER A 330 15.02 7.13 8.00
N THR A 331 15.82 6.46 7.16
CA THR A 331 16.49 7.14 6.04
C THR A 331 15.44 7.48 4.95
N GLY A 332 14.45 6.61 4.80
CA GLY A 332 13.24 6.86 3.97
C GLY A 332 12.57 8.21 4.17
N ALA A 333 12.19 8.43 5.43
CA ALA A 333 11.56 9.63 5.86
C ALA A 333 12.52 10.78 5.80
N ALA A 334 13.76 10.52 6.23
CA ALA A 334 14.79 11.57 6.15
C ALA A 334 15.02 12.13 4.75
N ASN A 335 15.06 11.22 3.78
CA ASN A 335 15.33 11.60 2.38
C ASN A 335 14.13 12.35 1.74
N ARG A 336 12.97 12.33 2.42
CA ARG A 336 11.74 13.05 1.97
C ARG A 336 11.40 14.21 2.91
N ASP A 337 12.36 14.61 3.72
CA ASP A 337 12.16 15.67 4.71
C ASP A 337 12.21 17.05 3.99
N GLN A 338 11.08 17.75 3.92
CA GLN A 338 11.04 19.13 3.36
C GLN A 338 12.04 20.14 3.89
N ALA A 339 12.49 20.01 5.12
CA ALA A 339 13.44 21.01 5.62
C ALA A 339 14.79 20.83 4.95
N GLN A 340 15.03 19.61 4.47
CA GLN A 340 16.33 19.37 3.81
C GLN A 340 16.29 19.44 2.27
N PHE A 341 15.25 18.87 1.66
CA PHE A 341 15.09 18.82 0.20
C PHE A 341 13.83 19.64 -0.22
N PRO A 342 14.04 20.80 -0.82
CA PRO A 342 12.85 21.62 -1.20
C PRO A 342 11.98 20.86 -2.22
N ASP A 343 10.65 20.94 -2.07
CA ASP A 343 9.74 20.15 -2.90
C ASP A 343 10.12 18.66 -2.84
N ALA A 344 10.31 18.18 -1.61
CA ALA A 344 10.96 16.86 -1.36
C ALA A 344 10.29 15.68 -2.02
N ASP A 345 8.97 15.76 -2.24
CA ASP A 345 8.20 14.71 -2.88
C ASP A 345 8.30 14.69 -4.43
N ARG A 346 8.88 15.71 -5.01
CA ARG A 346 9.05 15.75 -6.47
C ARG A 346 10.31 14.95 -6.85
N ILE A 347 10.21 14.05 -7.85
CA ILE A 347 11.44 13.47 -8.46
C ILE A 347 12.02 14.49 -9.45
N ASP A 348 13.22 15.04 -9.17
CA ASP A 348 13.83 16.06 -10.02
C ASP A 348 15.16 15.45 -10.40
N VAL A 349 15.28 14.94 -11.62
CA VAL A 349 16.48 14.24 -12.02
C VAL A 349 17.73 15.10 -12.00
N ASP A 350 17.50 16.42 -11.95
N ASP A 350 17.65 16.41 -12.05
CA ASP A 350 18.63 17.31 -11.94
CA ASP A 350 18.89 17.08 -11.73
C ASP A 350 18.80 17.99 -10.60
C ASP A 350 18.85 17.97 -10.53
N ARG A 351 18.28 17.41 -9.47
CA ARG A 351 18.35 17.99 -8.16
C ARG A 351 19.80 18.12 -7.71
N THR A 352 20.20 19.34 -7.25
CA THR A 352 21.46 19.62 -6.54
C THR A 352 21.19 20.71 -5.51
N PRO A 353 21.80 20.57 -4.33
CA PRO A 353 22.61 19.40 -3.99
C PRO A 353 21.69 18.21 -3.68
N ASN A 354 22.27 17.03 -3.48
CA ASN A 354 21.47 15.88 -3.15
C ASN A 354 22.26 14.98 -2.18
N GLN A 355 22.45 15.46 -0.94
CA GLN A 355 23.17 14.74 0.09
C GLN A 355 22.26 13.70 0.82
N HIS A 356 21.67 12.78 0.05
CA HIS A 356 20.70 11.89 0.63
C HIS A 356 21.38 10.84 1.53
N LEU A 357 20.56 10.13 2.30
CA LEU A 357 20.95 9.07 3.24
C LEU A 357 20.62 7.64 2.76
N GLY A 358 20.30 7.51 1.47
CA GLY A 358 19.86 6.22 0.91
C GLY A 358 20.91 5.12 0.95
N PHE A 359 22.17 5.50 1.10
CA PHE A 359 23.24 4.53 1.30
C PHE A 359 23.79 4.65 2.72
N GLY A 360 22.98 5.19 3.61
CA GLY A 360 23.44 5.41 4.95
C GLY A 360 24.33 6.62 5.22
N HIS A 361 25.06 6.51 6.32
CA HIS A 361 25.90 7.61 6.83
C HIS A 361 26.61 7.13 8.09
N GLY A 362 27.78 7.75 8.31
CA GLY A 362 28.68 7.40 9.40
C GLY A 362 29.41 6.10 9.13
N VAL A 363 29.80 5.37 10.18
CA VAL A 363 30.84 4.33 10.04
C VAL A 363 30.28 3.14 9.30
N HIS A 364 28.99 2.96 9.40
CA HIS A 364 28.35 1.92 8.64
C HIS A 364 27.86 2.27 7.19
N HIS A 365 28.23 3.44 6.66
N HIS A 365 28.24 3.43 6.65
CA HIS A 365 27.80 3.85 5.30
CA HIS A 365 27.75 3.76 5.30
C HIS A 365 28.14 2.77 4.23
C HIS A 365 28.05 2.62 4.33
N CYS A 366 27.13 2.44 3.41
CA CYS A 366 27.24 1.32 2.42
C CYS A 366 28.65 1.20 1.83
N LEU A 367 29.43 0.18 2.10
CA LEU A 367 30.77 0.17 1.44
C LEU A 367 30.67 -0.33 -0.01
N GLY A 368 29.55 -0.93 -0.36
CA GLY A 368 29.25 -1.24 -1.77
C GLY A 368 28.74 -0.05 -2.63
N ALA A 369 28.73 1.19 -2.15
CA ALA A 369 27.89 2.19 -2.85
C ALA A 369 28.46 2.59 -4.22
N PRO A 370 29.81 2.76 -4.36
CA PRO A 370 30.34 3.04 -5.71
C PRO A 370 29.96 1.95 -6.74
N LEU A 371 30.00 0.69 -6.36
CA LEU A 371 29.57 -0.36 -7.24
C LEU A 371 28.04 -0.39 -7.47
N ALA A 372 27.27 -0.09 -6.42
CA ALA A 372 25.81 -0.14 -6.58
C ALA A 372 25.37 0.96 -7.53
N ARG A 373 25.96 2.13 -7.44
CA ARG A 373 25.68 3.19 -8.39
C ARG A 373 26.01 2.79 -9.86
N VAL A 374 27.17 2.15 -10.05
CA VAL A 374 27.53 1.69 -11.39
C VAL A 374 26.42 0.72 -11.88
N GLU A 375 26.04 -0.25 -11.03
CA GLU A 375 25.02 -1.22 -11.44
C GLU A 375 23.68 -0.52 -11.75
N LEU A 376 23.30 0.42 -10.91
CA LEU A 376 22.03 1.08 -11.16
C LEU A 376 22.12 2.03 -12.40
N GLN A 377 23.28 2.62 -12.65
CA GLN A 377 23.42 3.50 -13.83
C GLN A 377 23.37 2.62 -15.10
N VAL A 378 24.02 1.48 -15.01
CA VAL A 378 24.08 0.55 -16.10
C VAL A 378 22.75 -0.10 -16.37
N ALA A 379 22.05 -0.50 -15.31
CA ALA A 379 20.71 -1.04 -15.51
C ALA A 379 19.84 -0.03 -16.27
N LEU A 380 19.72 1.19 -15.78
CA LEU A 380 18.91 2.19 -16.49
C LEU A 380 19.33 2.40 -17.93
N GLU A 381 20.63 2.57 -18.16
CA GLU A 381 21.28 2.90 -19.45
C GLU A 381 20.97 1.84 -20.48
N VAL A 382 21.19 0.59 -20.10
CA VAL A 382 21.00 -0.51 -20.97
C VAL A 382 19.54 -0.74 -21.21
N LEU A 383 18.70 -0.63 -20.18
CA LEU A 383 17.30 -0.91 -20.40
C LEU A 383 16.70 0.12 -21.31
N LEU A 384 17.09 1.37 -21.16
CA LEU A 384 16.51 2.36 -22.02
C LEU A 384 17.10 2.30 -23.44
N GLN A 385 18.36 1.87 -23.62
CA GLN A 385 18.89 1.57 -24.92
C GLN A 385 18.18 0.44 -25.63
N ARG A 386 17.86 -0.61 -24.92
CA ARG A 386 17.42 -1.81 -25.54
C ARG A 386 15.91 -1.85 -25.67
N LEU A 387 15.20 -1.36 -24.66
CA LEU A 387 13.77 -1.51 -24.58
C LEU A 387 13.18 -0.13 -24.34
N PRO A 388 13.42 0.84 -25.24
CA PRO A 388 12.87 2.19 -24.91
C PRO A 388 11.32 2.26 -24.79
N GLY A 389 10.60 1.29 -25.32
CA GLY A 389 9.12 1.32 -25.25
C GLY A 389 8.62 0.51 -24.07
N ILE A 390 9.51 0.21 -23.12
CA ILE A 390 9.18 -0.75 -22.06
C ILE A 390 7.97 -0.31 -21.23
N ARG A 391 7.05 -1.23 -20.99
CA ARG A 391 5.96 -0.86 -20.09
C ARG A 391 5.33 -2.08 -19.54
N LEU A 392 4.44 -1.89 -18.56
CA LEU A 392 3.86 -3.02 -17.85
C LEU A 392 2.94 -3.77 -18.75
N GLY A 393 3.03 -5.08 -18.65
CA GLY A 393 2.21 -5.95 -19.49
C GLY A 393 0.94 -6.37 -18.78
N ILE A 394 0.68 -5.80 -17.60
CA ILE A 394 -0.53 -6.11 -16.81
C ILE A 394 -1.02 -4.81 -16.19
N PRO A 395 -2.28 -4.72 -15.73
CA PRO A 395 -2.69 -3.53 -15.03
C PRO A 395 -1.95 -3.41 -13.70
N GLU A 396 -1.68 -2.19 -13.24
CA GLU A 396 -1.10 -2.05 -11.90
C GLU A 396 -1.87 -2.72 -10.75
N THR A 397 -3.21 -2.59 -10.74
CA THR A 397 -4.02 -3.37 -9.81
C THR A 397 -3.65 -4.87 -9.69
N GLN A 398 -3.02 -5.47 -10.69
CA GLN A 398 -2.64 -6.88 -10.61
C GLN A 398 -1.13 -7.17 -10.29
N LEU A 399 -0.31 -6.11 -10.10
CA LEU A 399 1.04 -6.30 -9.60
C LEU A 399 1.07 -7.07 -8.27
N ARG A 400 2.02 -7.97 -8.10
CA ARG A 400 2.19 -8.64 -6.83
C ARG A 400 3.37 -8.03 -6.16
N TRP A 401 3.15 -7.56 -4.92
CA TRP A 401 4.25 -6.93 -4.23
C TRP A 401 4.85 -7.85 -3.22
N SER A 402 6.13 -7.62 -2.91
CA SER A 402 6.86 -8.50 -1.98
C SER A 402 6.33 -8.35 -0.56
N GLU A 403 6.08 -9.48 0.11
CA GLU A 403 5.72 -9.38 1.53
C GLU A 403 6.87 -9.96 2.37
N GLY A 404 8.11 -9.70 1.95
CA GLY A 404 9.30 -10.13 2.69
C GLY A 404 9.44 -9.33 3.99
N MET A 405 8.88 -8.12 4.00
CA MET A 405 8.79 -7.19 5.14
C MET A 405 10.07 -6.41 5.53
N LEU A 406 11.06 -6.44 4.63
CA LEU A 406 12.34 -5.76 4.86
C LEU A 406 12.48 -4.64 3.88
N LEU A 407 12.29 -4.94 2.57
CA LEU A 407 12.37 -3.88 1.55
C LEU A 407 11.11 -3.93 0.74
N ARG A 408 10.72 -2.80 0.19
CA ARG A 408 9.55 -2.81 -0.69
C ARG A 408 9.92 -2.94 -2.20
N GLY A 409 9.32 -3.90 -2.91
CA GLY A 409 9.51 -4.01 -4.40
C GLY A 409 8.59 -5.07 -5.00
N PRO A 410 8.46 -5.13 -6.35
CA PRO A 410 7.47 -6.07 -6.92
C PRO A 410 8.04 -7.46 -6.93
N LEU A 411 7.18 -8.47 -6.82
CA LEU A 411 7.64 -9.83 -6.92
C LEU A 411 7.89 -10.21 -8.36
N GLU A 412 7.08 -9.69 -9.29
CA GLU A 412 7.21 -9.96 -10.75
C GLU A 412 6.91 -8.64 -11.48
N LEU A 413 7.58 -8.40 -12.60
CA LEU A 413 7.28 -7.17 -13.42
C LEU A 413 7.13 -7.68 -14.83
N PRO A 414 5.90 -8.11 -15.18
CA PRO A 414 5.79 -8.49 -16.57
C PRO A 414 5.76 -7.25 -17.50
N VAL A 415 6.67 -7.26 -18.47
CA VAL A 415 6.86 -6.12 -19.35
C VAL A 415 6.72 -6.49 -20.84
N VAL A 416 6.36 -5.48 -21.61
CA VAL A 416 6.14 -5.56 -23.04
C VAL A 416 6.93 -4.34 -23.42
N TRP A 417 7.32 -4.31 -24.68
CA TRP A 417 8.07 -3.22 -25.21
C TRP A 417 7.83 -3.21 -26.71
N GLU B 25 0.52 6.30 -24.00
CA GLU B 25 0.17 7.72 -23.64
C GLU B 25 -0.93 7.90 -22.51
N PRO B 26 -1.99 7.04 -22.47
CA PRO B 26 -2.84 7.09 -21.24
C PRO B 26 -2.11 6.40 -20.05
N ARG B 27 -2.26 6.85 -18.81
CA ARG B 27 -1.65 6.04 -17.71
C ARG B 27 -2.57 4.88 -17.37
N ALA B 28 -2.02 3.76 -16.88
CA ALA B 28 -2.83 2.73 -16.25
C ALA B 28 -3.49 3.30 -14.98
N TYR B 29 -4.74 2.91 -14.76
CA TYR B 29 -5.48 3.36 -13.62
C TYR B 29 -6.42 2.23 -13.28
N PRO B 30 -6.72 2.00 -11.97
CA PRO B 30 -6.34 2.63 -10.68
C PRO B 30 -4.84 2.57 -10.38
N PHE B 31 -4.41 3.51 -9.52
CA PHE B 31 -3.07 3.67 -9.05
C PHE B 31 -2.95 2.95 -7.69
N ASN B 32 -4.03 3.05 -6.88
CA ASN B 32 -4.14 2.43 -5.57
C ASN B 32 -3.91 0.96 -5.66
N ASP B 33 -3.19 0.40 -4.70
CA ASP B 33 -3.21 -1.05 -4.53
C ASP B 33 -4.39 -1.44 -3.65
N VAL B 34 -5.00 -2.60 -3.89
CA VAL B 34 -6.11 -3.06 -3.03
C VAL B 34 -5.69 -3.29 -1.56
N HIS B 35 -4.44 -3.65 -1.28
CA HIS B 35 -4.08 -4.19 0.03
C HIS B 35 -3.74 -3.13 1.05
N GLY B 36 -4.65 -2.21 1.31
CA GLY B 36 -4.45 -1.24 2.39
C GLY B 36 -5.33 -0.06 2.07
N LEU B 37 -5.06 1.11 2.66
CA LEU B 37 -5.91 2.27 2.47
C LEU B 37 -5.08 3.46 2.03
N THR B 38 -3.85 3.16 1.61
CA THR B 38 -2.92 4.13 1.07
C THR B 38 -3.54 4.86 -0.12
N LEU B 39 -3.46 6.16 -0.08
CA LEU B 39 -3.87 6.99 -1.20
C LEU B 39 -2.62 7.21 -2.05
N ALA B 40 -2.65 6.74 -3.29
CA ALA B 40 -1.56 6.96 -4.26
C ALA B 40 -1.07 8.41 -4.30
N GLY B 41 0.25 8.58 -4.23
CA GLY B 41 0.87 9.90 -4.40
C GLY B 41 0.61 10.55 -5.79
N ARG B 42 0.45 9.72 -6.83
CA ARG B 42 0.08 10.22 -8.14
C ARG B 42 -1.17 11.07 -8.17
N TYR B 43 -2.15 10.81 -7.28
CA TYR B 43 -3.34 11.63 -7.23
C TYR B 43 -2.99 13.11 -6.97
N GLY B 44 -2.16 13.38 -5.93
CA GLY B 44 -1.67 14.75 -5.60
C GLY B 44 -0.87 15.37 -6.74
N GLU B 45 -0.03 14.59 -7.39
CA GLU B 45 0.69 15.10 -8.54
C GLU B 45 -0.33 15.53 -9.64
N LEU B 46 -1.33 14.69 -9.97
CA LEU B 46 -2.30 15.01 -11.04
C LEU B 46 -3.17 16.22 -10.66
N GLN B 47 -3.63 16.26 -9.41
CA GLN B 47 -4.34 17.41 -8.87
C GLN B 47 -3.57 18.73 -9.10
N GLU B 48 -2.25 18.72 -9.00
CA GLU B 48 -1.46 19.94 -9.23
C GLU B 48 -1.24 20.16 -10.73
N THR B 49 -0.91 19.13 -11.51
CA THR B 49 -0.35 19.40 -12.82
C THR B 49 -1.24 18.96 -13.97
N GLU B 50 -2.14 18.00 -13.77
CA GLU B 50 -2.95 17.40 -14.87
C GLU B 50 -4.35 16.97 -14.32
N PRO B 51 -5.15 17.95 -13.86
CA PRO B 51 -6.33 17.53 -13.07
C PRO B 51 -7.40 16.78 -13.90
N VAL B 52 -7.24 16.70 -15.23
CA VAL B 52 -8.12 15.94 -16.08
C VAL B 52 -7.22 15.17 -17.06
N SER B 53 -7.08 13.85 -16.90
CA SER B 53 -6.02 13.15 -17.64
C SER B 53 -6.54 11.83 -18.20
N ARG B 54 -5.85 11.33 -19.23
CA ARG B 54 -6.28 10.09 -19.88
C ARG B 54 -5.81 8.87 -19.08
N VAL B 55 -6.64 7.86 -18.91
CA VAL B 55 -6.21 6.67 -18.21
C VAL B 55 -6.71 5.45 -18.92
N ARG B 56 -6.10 4.32 -18.63
CA ARG B 56 -6.52 3.04 -19.16
C ARG B 56 -6.82 2.09 -18.06
N PRO B 57 -8.08 1.62 -18.00
CA PRO B 57 -8.48 0.76 -16.92
C PRO B 57 -8.15 -0.68 -17.19
N PRO B 58 -8.32 -1.54 -16.18
CA PRO B 58 -7.84 -2.88 -16.45
C PRO B 58 -8.76 -3.55 -17.46
N TYR B 59 -10.05 -3.16 -17.48
CA TYR B 59 -11.02 -3.74 -18.43
C TYR B 59 -11.85 -2.59 -18.90
N GLY B 60 -12.28 -2.65 -20.16
CA GLY B 60 -13.14 -1.59 -20.74
C GLY B 60 -12.40 -0.43 -21.38
N GLU B 61 -13.14 0.62 -21.74
CA GLU B 61 -12.63 1.71 -22.55
C GLU B 61 -11.75 2.70 -21.80
N GLU B 62 -10.81 3.32 -22.52
CA GLU B 62 -10.03 4.40 -22.00
C GLU B 62 -10.96 5.52 -21.60
N ALA B 63 -10.50 6.40 -20.73
CA ALA B 63 -11.44 7.32 -20.08
C ALA B 63 -10.70 8.48 -19.53
N TRP B 64 -11.46 9.45 -19.08
CA TRP B 64 -10.90 10.63 -18.43
C TRP B 64 -10.97 10.47 -16.91
N LEU B 65 -9.87 10.70 -16.22
CA LEU B 65 -9.78 10.61 -14.75
C LEU B 65 -9.80 12.07 -14.23
N VAL B 66 -10.73 12.39 -13.31
CA VAL B 66 -10.92 13.73 -12.74
C VAL B 66 -10.65 13.57 -11.22
N THR B 67 -9.87 14.48 -10.65
CA THR B 67 -9.28 14.27 -9.32
C THR B 67 -9.39 15.44 -8.36
N ARG B 68 -9.60 16.66 -8.86
CA ARG B 68 -9.82 17.77 -7.91
C ARG B 68 -11.24 17.77 -7.33
N TYR B 69 -11.37 18.27 -6.09
CA TYR B 69 -12.64 18.30 -5.40
C TYR B 69 -13.63 19.09 -6.25
N GLU B 70 -13.29 20.34 -6.65
CA GLU B 70 -14.19 21.19 -7.43
C GLU B 70 -14.74 20.47 -8.65
N ASP B 71 -13.86 19.79 -9.33
CA ASP B 71 -14.17 19.20 -10.60
C ASP B 71 -15.05 17.94 -10.46
N VAL B 72 -14.72 17.13 -9.45
CA VAL B 72 -15.44 15.87 -9.18
C VAL B 72 -16.81 16.28 -8.68
N ARG B 73 -16.86 17.30 -7.84
CA ARG B 73 -18.16 17.79 -7.41
C ARG B 73 -18.99 18.30 -8.61
N ALA B 74 -18.34 19.04 -9.50
CA ALA B 74 -19.00 19.56 -10.75
C ALA B 74 -19.49 18.46 -11.64
N VAL B 75 -18.64 17.44 -11.87
CA VAL B 75 -19.09 16.28 -12.65
C VAL B 75 -20.34 15.60 -12.09
N LEU B 76 -20.30 15.24 -10.80
CA LEU B 76 -21.36 14.50 -10.17
C LEU B 76 -22.64 15.32 -10.10
N GLY B 77 -22.53 16.65 -9.95
CA GLY B 77 -23.71 17.54 -9.89
C GLY B 77 -24.32 18.05 -11.21
N ASP B 78 -23.69 17.74 -12.34
CA ASP B 78 -24.04 18.33 -13.62
C ASP B 78 -24.81 17.35 -14.50
N GLY B 79 -26.02 17.72 -14.87
CA GLY B 79 -26.90 16.92 -15.69
C GLY B 79 -26.37 16.54 -17.06
N ARG B 80 -25.30 17.15 -17.53
CA ARG B 80 -24.70 16.71 -18.78
C ARG B 80 -23.89 15.44 -18.70
N PHE B 81 -23.64 14.93 -17.48
CA PHE B 81 -22.96 13.66 -17.37
C PHE B 81 -23.91 12.59 -16.87
N VAL B 82 -24.22 11.64 -17.75
CA VAL B 82 -25.29 10.70 -17.50
C VAL B 82 -24.71 9.25 -17.29
N ARG B 83 -25.58 8.33 -16.91
CA ARG B 83 -25.17 6.97 -16.51
C ARG B 83 -25.75 5.91 -17.43
N GLY B 84 -26.86 6.26 -18.12
CA GLY B 84 -27.54 5.40 -19.14
C GLY B 84 -26.66 4.61 -20.09
N PRO B 85 -25.54 5.18 -20.63
CA PRO B 85 -24.75 4.33 -21.51
C PRO B 85 -24.08 3.16 -20.82
N SER B 86 -23.97 3.18 -19.48
CA SER B 86 -23.45 1.99 -18.74
C SER B 86 -24.13 0.70 -19.18
N MET B 87 -25.41 0.83 -19.54
CA MET B 87 -26.24 -0.34 -19.94
C MET B 87 -25.70 -1.00 -21.19
N THR B 88 -25.01 -0.25 -22.06
CA THR B 88 -24.55 -0.85 -23.28
C THR B 88 -23.05 -0.65 -23.57
N ARG B 89 -22.34 0.12 -22.75
CA ARG B 89 -20.92 0.34 -23.01
C ARG B 89 -19.97 -0.70 -22.36
N ASP B 90 -18.81 -0.90 -22.96
CA ASP B 90 -17.68 -1.62 -22.36
C ASP B 90 -17.03 -0.70 -21.27
N GLU B 91 -17.64 -0.67 -20.11
CA GLU B 91 -17.35 0.34 -19.11
C GLU B 91 -15.98 0.19 -18.52
N PRO B 92 -15.25 1.30 -18.33
CA PRO B 92 -13.97 1.25 -17.56
C PRO B 92 -14.19 0.63 -16.21
N ARG B 93 -13.38 -0.37 -15.85
CA ARG B 93 -13.66 -1.13 -14.61
C ARG B 93 -12.51 -2.09 -14.26
N THR B 94 -12.59 -2.70 -13.07
CA THR B 94 -11.47 -3.42 -12.51
C THR B 94 -11.67 -4.91 -12.53
N ARG B 95 -12.88 -5.38 -12.79
CA ARG B 95 -13.17 -6.83 -12.86
C ARG B 95 -13.72 -7.16 -14.24
N PRO B 96 -13.51 -8.39 -14.75
CA PRO B 96 -13.96 -8.71 -16.13
C PRO B 96 -15.47 -8.60 -16.37
N GLU B 97 -16.26 -9.03 -15.42
CA GLU B 97 -17.72 -8.92 -15.64
C GLU B 97 -18.20 -7.48 -15.39
N MET B 98 -19.32 -7.12 -16.00
CA MET B 98 -19.99 -5.84 -15.72
C MET B 98 -21.16 -6.01 -14.77
N VAL B 99 -21.29 -5.13 -13.80
CA VAL B 99 -22.47 -5.09 -12.97
C VAL B 99 -23.27 -3.87 -13.39
N LYS B 100 -24.35 -4.12 -14.13
CA LYS B 100 -25.19 -3.02 -14.66
C LYS B 100 -26.57 -3.04 -13.96
N GLY B 101 -27.39 -2.02 -14.17
CA GLY B 101 -28.76 -2.06 -13.61
C GLY B 101 -28.91 -1.43 -12.23
N GLY B 102 -30.13 -1.36 -11.71
CA GLY B 102 -30.33 -0.67 -10.45
C GLY B 102 -30.45 0.82 -10.68
N LEU B 103 -30.79 1.55 -9.65
CA LEU B 103 -30.96 2.98 -9.76
C LEU B 103 -29.71 3.68 -10.30
N LEU B 104 -28.53 3.09 -10.01
CA LEU B 104 -27.32 3.78 -10.32
C LEU B 104 -27.07 3.78 -11.83
N SER B 105 -27.78 2.92 -12.54
N SER B 105 -27.74 2.90 -12.57
CA SER B 105 -27.67 2.83 -14.00
CA SER B 105 -27.58 2.93 -14.01
C SER B 105 -28.71 3.68 -14.71
C SER B 105 -28.52 3.93 -14.71
N MET B 106 -29.50 4.47 -13.98
CA MET B 106 -30.59 5.25 -14.55
C MET B 106 -30.41 6.77 -14.61
N ASP B 107 -31.07 7.40 -15.58
CA ASP B 107 -31.06 8.86 -15.75
C ASP B 107 -32.44 9.41 -15.63
N PRO B 108 -32.55 10.69 -15.30
CA PRO B 108 -33.79 11.43 -15.37
C PRO B 108 -34.40 11.27 -16.76
N PRO B 109 -35.76 11.17 -16.81
CA PRO B 109 -36.65 11.30 -15.70
C PRO B 109 -36.98 9.92 -15.01
N GLU B 110 -36.64 8.77 -15.59
CA GLU B 110 -37.10 7.53 -14.93
C GLU B 110 -36.40 7.39 -13.53
N HIS B 111 -35.14 7.75 -13.46
CA HIS B 111 -34.42 7.78 -12.19
C HIS B 111 -35.18 8.66 -11.20
N SER B 112 -35.58 9.87 -11.64
CA SER B 112 -36.20 10.86 -10.78
C SER B 112 -37.47 10.36 -10.16
N ARG B 113 -38.31 9.66 -10.96
CA ARG B 113 -39.56 9.09 -10.47
C ARG B 113 -39.22 8.07 -9.34
N LEU B 114 -38.37 7.07 -9.62
CA LEU B 114 -38.06 6.06 -8.63
C LEU B 114 -37.49 6.62 -7.36
N ARG B 115 -36.63 7.62 -7.47
CA ARG B 115 -35.98 8.18 -6.32
C ARG B 115 -36.98 8.94 -5.41
N ARG B 116 -37.87 9.70 -6.05
CA ARG B 116 -38.82 10.51 -5.36
C ARG B 116 -39.73 9.63 -4.50
N LEU B 117 -40.21 8.54 -5.09
CA LEU B 117 -41.00 7.59 -4.35
C LEU B 117 -40.19 6.93 -3.16
N VAL B 118 -38.95 6.51 -3.42
CA VAL B 118 -38.16 5.88 -2.37
C VAL B 118 -37.90 6.82 -1.17
N VAL B 119 -37.40 8.03 -1.42
CA VAL B 119 -37.09 8.92 -0.35
C VAL B 119 -38.31 9.53 0.32
N LYS B 120 -39.49 9.39 -0.32
CA LYS B 120 -40.78 9.54 0.36
C LYS B 120 -40.92 8.61 1.61
N ALA B 121 -40.68 7.30 1.43
CA ALA B 121 -40.77 6.26 2.44
C ALA B 121 -39.55 6.27 3.38
N PHE B 122 -38.36 6.32 2.75
CA PHE B 122 -37.12 6.13 3.41
C PHE B 122 -36.58 7.48 3.83
N THR B 123 -37.13 8.04 4.90
CA THR B 123 -36.79 9.40 5.37
C THR B 123 -35.62 9.42 6.38
N ALA B 124 -35.07 10.62 6.63
CA ALA B 124 -34.05 10.82 7.66
C ALA B 124 -34.65 10.44 9.03
N ARG B 125 -35.95 10.73 9.19
CA ARG B 125 -36.63 10.47 10.42
C ARG B 125 -36.68 8.94 10.64
N ARG B 126 -37.04 8.18 9.59
CA ARG B 126 -37.06 6.73 9.66
C ARG B 126 -35.68 6.10 10.00
N ALA B 127 -34.63 6.69 9.46
CA ALA B 127 -33.27 6.23 9.71
C ALA B 127 -32.83 6.49 11.16
N GLU B 128 -33.11 7.67 11.67
CA GLU B 128 -32.89 7.94 13.07
C GLU B 128 -33.68 7.00 14.00
N SER B 129 -34.88 6.61 13.61
CA SER B 129 -35.70 5.82 14.57
C SER B 129 -35.10 4.45 14.72
N LEU B 130 -34.12 4.12 13.88
CA LEU B 130 -33.52 2.79 13.92
C LEU B 130 -32.31 2.76 14.83
N ARG B 131 -31.83 3.93 15.27
CA ARG B 131 -30.66 3.96 16.17
C ARG B 131 -30.77 2.98 17.38
N PRO B 132 -31.93 3.00 18.09
CA PRO B 132 -31.98 2.14 19.30
C PRO B 132 -31.93 0.65 18.97
N ARG B 133 -32.60 0.17 17.92
CA ARG B 133 -32.42 -1.26 17.48
C ARG B 133 -31.04 -1.57 16.92
N ALA B 134 -30.41 -0.59 16.23
CA ALA B 134 -29.00 -0.79 15.79
C ALA B 134 -28.07 -1.03 16.98
N ARG B 135 -28.30 -0.29 18.06
CA ARG B 135 -27.46 -0.45 19.30
C ARG B 135 -27.68 -1.84 19.88
N GLU B 136 -28.91 -2.29 19.91
CA GLU B 136 -29.25 -3.62 20.44
C GLU B 136 -28.65 -4.75 19.64
N ILE B 137 -28.74 -4.60 18.34
CA ILE B 137 -28.09 -5.59 17.49
C ILE B 137 -26.56 -5.59 17.75
N ALA B 138 -26.00 -4.40 17.90
CA ALA B 138 -24.60 -4.28 18.02
C ALA B 138 -24.12 -4.92 19.34
N HIS B 139 -24.89 -4.72 20.44
CA HIS B 139 -24.53 -5.31 21.73
C HIS B 139 -24.63 -6.76 21.66
N GLU B 140 -25.64 -7.26 20.92
CA GLU B 140 -25.79 -8.69 20.80
C GLU B 140 -24.59 -9.35 20.11
N LEU B 141 -24.05 -8.65 19.11
CA LEU B 141 -22.92 -9.20 18.35
C LEU B 141 -21.68 -9.14 19.19
N VAL B 142 -21.51 -8.08 19.97
CA VAL B 142 -20.41 -8.02 20.88
C VAL B 142 -20.46 -9.21 21.83
N ASP B 143 -21.65 -9.52 22.35
CA ASP B 143 -21.81 -10.66 23.27
C ASP B 143 -21.47 -11.99 22.59
N GLN B 144 -21.89 -12.14 21.34
CA GLN B 144 -21.56 -13.37 20.62
C GLN B 144 -20.11 -13.46 20.34
N MET B 145 -19.47 -12.32 20.13
CA MET B 145 -18.08 -12.33 19.76
C MET B 145 -17.19 -12.64 20.97
N ALA B 146 -17.53 -12.06 22.11
CA ALA B 146 -16.89 -12.32 23.38
C ALA B 146 -16.97 -13.81 23.76
N ALA B 147 -18.03 -14.49 23.35
CA ALA B 147 -18.25 -15.88 23.72
C ALA B 147 -17.38 -16.84 22.92
N THR B 148 -16.88 -16.42 21.77
CA THR B 148 -16.02 -17.30 20.99
C THR B 148 -14.57 -17.17 21.45
N GLY B 149 -14.37 -16.39 22.53
CA GLY B 149 -13.05 -16.12 23.10
C GLY B 149 -12.18 -15.24 22.23
N GLN B 150 -10.96 -14.97 22.70
CA GLN B 150 -10.03 -14.10 21.98
C GLN B 150 -8.92 -14.95 21.35
N PRO B 151 -8.33 -14.48 20.22
CA PRO B 151 -8.71 -13.32 19.40
C PRO B 151 -9.97 -13.64 18.65
N ALA B 152 -10.72 -12.61 18.28
CA ALA B 152 -11.97 -12.81 17.54
C ALA B 152 -11.90 -12.01 16.26
N ASP B 153 -12.55 -12.52 15.23
CA ASP B 153 -12.49 -11.91 13.91
C ASP B 153 -13.54 -10.80 13.86
N LEU B 154 -13.14 -9.55 14.02
CA LEU B 154 -14.11 -8.45 14.06
C LEU B 154 -14.90 -8.38 12.70
N VAL B 155 -14.30 -8.84 11.62
CA VAL B 155 -14.96 -8.68 10.31
C VAL B 155 -16.18 -9.63 10.19
N ALA B 156 -15.94 -10.94 10.35
CA ALA B 156 -16.95 -12.02 10.26
C ALA B 156 -18.01 -11.88 11.30
N MET B 157 -17.65 -11.40 12.48
CA MET B 157 -18.54 -11.47 13.64
C MET B 157 -19.27 -10.21 13.95
N PHE B 158 -18.77 -9.11 13.39
CA PHE B 158 -19.34 -7.82 13.72
C PHE B 158 -19.57 -7.02 12.43
N ALA B 159 -18.53 -6.78 11.65
CA ALA B 159 -18.68 -5.88 10.50
C ALA B 159 -19.59 -6.44 9.43
N ARG B 160 -19.54 -7.75 9.17
CA ARG B 160 -20.39 -8.41 8.18
C ARG B 160 -21.77 -8.80 8.69
N GLN B 161 -22.07 -8.43 9.93
CA GLN B 161 -23.32 -8.88 10.57
C GLN B 161 -24.18 -7.65 10.81
N LEU B 162 -23.61 -6.54 11.27
CA LEU B 162 -24.47 -5.42 11.64
C LEU B 162 -25.26 -4.87 10.45
N PRO B 163 -24.61 -4.61 9.28
CA PRO B 163 -25.33 -3.79 8.27
C PRO B 163 -26.51 -4.53 7.68
N VAL B 164 -26.35 -5.83 7.47
CA VAL B 164 -27.38 -6.61 6.83
C VAL B 164 -28.59 -6.78 7.79
N ARG B 165 -28.32 -6.91 9.11
CA ARG B 165 -29.37 -7.04 10.13
C ARG B 165 -30.17 -5.72 10.27
N VAL B 166 -29.48 -4.63 10.23
CA VAL B 166 -30.14 -3.37 10.27
C VAL B 166 -30.94 -3.13 9.00
N ILE B 167 -30.40 -3.44 7.81
CA ILE B 167 -31.24 -3.27 6.60
C ILE B 167 -32.46 -4.19 6.68
N CYS B 168 -32.28 -5.40 7.22
CA CYS B 168 -33.40 -6.32 7.54
C CYS B 168 -34.47 -5.71 8.45
N GLU B 169 -34.04 -5.06 9.53
CA GLU B 169 -34.92 -4.32 10.39
C GLU B 169 -35.63 -3.23 9.60
N LEU B 170 -34.84 -2.42 8.83
CA LEU B 170 -35.40 -1.29 8.09
C LEU B 170 -36.59 -1.75 7.24
N LEU B 171 -36.37 -2.87 6.55
CA LEU B 171 -37.31 -3.35 5.56
C LEU B 171 -38.54 -3.98 6.17
N GLY B 172 -38.36 -4.62 7.33
CA GLY B 172 -39.43 -5.33 8.05
C GLY B 172 -39.31 -6.84 7.87
N VAL B 173 -38.12 -7.33 7.51
CA VAL B 173 -37.85 -8.80 7.58
C VAL B 173 -37.99 -9.22 9.06
N PRO B 174 -38.84 -10.23 9.34
CA PRO B 174 -39.04 -10.55 10.78
C PRO B 174 -37.73 -11.08 11.39
N SER B 175 -37.45 -10.73 12.65
CA SER B 175 -36.13 -11.04 13.15
C SER B 175 -35.72 -12.50 13.10
N ALA B 176 -36.69 -13.42 13.09
CA ALA B 176 -36.41 -14.86 12.98
C ALA B 176 -35.72 -15.31 11.68
N ASP B 177 -35.93 -14.55 10.60
CA ASP B 177 -35.34 -14.85 9.31
C ASP B 177 -34.02 -14.04 9.01
N HIS B 178 -33.60 -13.16 9.92
CA HIS B 178 -32.33 -12.42 9.68
C HIS B 178 -31.13 -13.31 9.41
N ASP B 179 -31.00 -14.46 10.11
CA ASP B 179 -29.84 -15.34 9.89
C ASP B 179 -29.84 -15.88 8.48
N ARG B 180 -30.97 -16.39 7.97
CA ARG B 180 -30.99 -16.87 6.56
C ARG B 180 -30.70 -15.70 5.61
N PHE B 181 -31.24 -14.54 5.95
CA PHE B 181 -31.11 -13.43 5.03
C PHE B 181 -29.65 -13.00 4.85
N THR B 182 -28.95 -13.03 5.98
CA THR B 182 -27.56 -12.78 6.09
C THR B 182 -26.78 -13.82 5.30
N ARG B 183 -27.17 -15.08 5.35
CA ARG B 183 -26.48 -16.06 4.53
C ARG B 183 -26.69 -15.85 3.02
N TRP B 184 -27.91 -15.54 2.60
CA TRP B 184 -28.10 -15.20 1.17
C TRP B 184 -27.30 -13.96 0.76
N SER B 185 -27.47 -12.86 1.48
CA SER B 185 -26.78 -11.60 1.16
C SER B 185 -25.29 -11.78 1.02
N GLY B 186 -24.77 -12.73 1.79
CA GLY B 186 -23.37 -13.03 1.81
C GLY B 186 -22.84 -13.47 0.46
N ALA B 187 -23.68 -14.13 -0.30
CA ALA B 187 -23.31 -14.63 -1.60
C ALA B 187 -23.05 -13.45 -2.59
N PHE B 188 -23.52 -12.25 -2.27
CA PHE B 188 -23.41 -11.08 -3.18
C PHE B 188 -22.24 -10.18 -2.92
N LEU B 189 -21.45 -10.52 -1.91
CA LEU B 189 -20.30 -9.68 -1.52
C LEU B 189 -19.19 -9.90 -2.53
N SER B 190 -18.38 -8.85 -2.78
CA SER B 190 -17.32 -9.01 -3.76
C SER B 190 -16.23 -9.93 -3.22
N THR B 191 -16.24 -10.19 -1.91
CA THR B 191 -15.30 -11.12 -1.27
C THR B 191 -15.75 -12.58 -1.25
N ALA B 192 -16.95 -12.85 -1.75
CA ALA B 192 -17.59 -14.14 -1.53
C ALA B 192 -16.91 -15.30 -2.32
N GLU B 193 -16.73 -16.45 -1.68
CA GLU B 193 -16.15 -17.60 -2.37
C GLU B 193 -17.27 -18.58 -2.81
N VAL B 194 -18.20 -18.11 -3.61
CA VAL B 194 -19.32 -18.93 -4.01
C VAL B 194 -19.19 -19.21 -5.48
N THR B 195 -19.75 -20.33 -5.93
CA THR B 195 -19.80 -20.64 -7.35
C THR B 195 -20.96 -19.86 -7.98
N ALA B 196 -21.00 -19.79 -9.31
CA ALA B 196 -22.15 -19.20 -10.00
C ALA B 196 -23.52 -19.79 -9.62
N GLU B 197 -23.61 -21.11 -9.47
CA GLU B 197 -24.89 -21.77 -9.15
C GLU B 197 -25.34 -21.32 -7.75
N GLU B 198 -24.42 -21.37 -6.79
CA GLU B 198 -24.69 -20.89 -5.44
C GLU B 198 -25.21 -19.44 -5.39
N MET B 199 -24.57 -18.54 -6.14
CA MET B 199 -24.98 -17.12 -6.15
C MET B 199 -26.34 -16.90 -6.79
N GLN B 200 -26.63 -17.66 -7.85
CA GLN B 200 -27.95 -17.71 -8.48
C GLN B 200 -29.09 -18.20 -7.59
N GLU B 201 -28.85 -19.34 -6.96
CA GLU B 201 -29.79 -19.90 -6.01
C GLU B 201 -30.03 -18.86 -4.85
N ALA B 202 -28.96 -18.29 -4.30
CA ALA B 202 -29.09 -17.25 -3.25
C ALA B 202 -29.98 -16.10 -3.72
N ALA B 203 -29.70 -15.57 -4.92
CA ALA B 203 -30.55 -14.54 -5.55
C ALA B 203 -31.99 -14.97 -5.76
N GLU B 204 -32.19 -16.21 -6.24
CA GLU B 204 -33.55 -16.65 -6.52
C GLU B 204 -34.34 -16.76 -5.24
N GLN B 205 -33.71 -17.28 -4.19
CA GLN B 205 -34.43 -17.43 -2.93
C GLN B 205 -34.64 -16.06 -2.30
N ALA B 206 -33.65 -15.17 -2.41
CA ALA B 206 -33.80 -13.85 -1.83
C ALA B 206 -34.92 -13.05 -2.54
N TYR B 207 -35.10 -13.31 -3.84
CA TYR B 207 -36.16 -12.68 -4.62
C TYR B 207 -37.54 -13.19 -4.26
N ALA B 208 -37.69 -14.51 -4.21
CA ALA B 208 -38.96 -15.07 -3.81
C ALA B 208 -39.35 -14.62 -2.40
N TYR B 209 -38.39 -14.60 -1.46
CA TYR B 209 -38.69 -14.23 -0.09
C TYR B 209 -39.18 -12.79 -0.08
N MET B 210 -38.41 -11.92 -0.70
CA MET B 210 -38.75 -10.49 -0.69
C MET B 210 -40.10 -10.23 -1.39
N GLY B 211 -40.36 -10.98 -2.45
CA GLY B 211 -41.66 -10.98 -3.14
C GLY B 211 -42.81 -11.29 -2.20
N ASP B 212 -42.66 -12.40 -1.47
CA ASP B 212 -43.62 -12.83 -0.48
C ASP B 212 -43.89 -11.81 0.62
N LEU B 213 -42.84 -11.15 1.07
CA LEU B 213 -42.98 -10.19 2.14
C LEU B 213 -43.78 -8.96 1.65
N ILE B 214 -43.49 -8.51 0.41
CA ILE B 214 -44.15 -7.32 -0.19
C ILE B 214 -45.62 -7.59 -0.24
N ASP B 215 -45.99 -8.74 -0.80
CA ASP B 215 -47.40 -9.18 -0.83
C ASP B 215 -48.05 -9.21 0.59
N ARG B 216 -47.35 -9.78 1.58
CA ARG B 216 -47.85 -9.82 2.97
C ARG B 216 -48.10 -8.40 3.50
N ARG B 217 -47.28 -7.45 3.07
CA ARG B 217 -47.34 -6.09 3.63
C ARG B 217 -48.40 -5.25 2.94
N ARG B 218 -48.70 -5.61 1.70
CA ARG B 218 -49.78 -4.97 0.91
C ARG B 218 -51.14 -5.32 1.53
N LYS B 219 -51.30 -6.62 1.83
CA LYS B 219 -52.46 -7.17 2.49
C LYS B 219 -52.61 -6.65 3.90
N GLU B 220 -51.51 -6.54 4.66
CA GLU B 220 -51.50 -6.04 6.06
C GLU B 220 -50.29 -5.11 6.36
N PRO B 221 -50.45 -3.79 6.15
CA PRO B 221 -49.39 -2.80 6.37
C PRO B 221 -48.87 -2.73 7.80
N THR B 222 -47.58 -2.47 7.95
CA THR B 222 -46.94 -2.35 9.25
C THR B 222 -46.25 -1.03 9.14
N ASP B 223 -45.46 -0.66 10.15
CA ASP B 223 -44.74 0.61 10.10
C ASP B 223 -43.35 0.49 9.41
N ASP B 224 -43.01 -0.66 8.81
CA ASP B 224 -41.67 -0.81 8.24
C ASP B 224 -41.52 -0.15 6.82
N LEU B 225 -40.29 -0.18 6.27
CA LEU B 225 -40.03 0.42 4.96
C LEU B 225 -40.75 -0.34 3.85
N VAL B 226 -40.77 -1.67 3.86
CA VAL B 226 -41.49 -2.29 2.74
C VAL B 226 -42.95 -1.72 2.70
N SER B 227 -43.62 -1.64 3.84
CA SER B 227 -44.95 -1.05 3.92
C SER B 227 -45.01 0.38 3.40
N ALA B 228 -44.17 1.27 3.91
CA ALA B 228 -44.11 2.61 3.38
C ALA B 228 -43.90 2.66 1.82
N LEU B 229 -43.12 1.75 1.24
CA LEU B 229 -42.93 1.78 -0.20
C LEU B 229 -44.15 1.31 -1.01
N VAL B 230 -44.85 0.29 -0.52
CA VAL B 230 -46.13 -0.09 -1.08
C VAL B 230 -47.11 1.11 -1.02
N GLN B 231 -47.19 1.81 0.12
CA GLN B 231 -48.15 2.91 0.24
C GLN B 231 -47.76 4.27 -0.43
N ALA B 232 -46.46 4.52 -0.66
CA ALA B 232 -46.00 5.84 -1.13
C ALA B 232 -46.57 6.27 -2.50
N ARG B 233 -46.93 7.57 -2.57
CA ARG B 233 -47.60 8.17 -3.75
C ARG B 233 -46.99 9.52 -4.09
N ASP B 234 -46.98 9.86 -5.37
CA ASP B 234 -46.42 11.15 -5.77
C ASP B 234 -47.04 11.67 -7.05
N GLN B 235 -47.64 12.87 -7.01
CA GLN B 235 -48.43 13.35 -8.14
C GLN B 235 -49.34 12.20 -8.69
N GLN B 236 -50.00 11.47 -7.77
CA GLN B 236 -50.80 10.24 -8.05
C GLN B 236 -50.05 8.95 -8.52
N ASP B 237 -48.74 9.04 -8.67
CA ASP B 237 -47.91 7.89 -9.12
C ASP B 237 -47.53 6.96 -7.94
N SER B 238 -47.26 5.68 -8.22
CA SER B 238 -46.78 4.74 -7.18
C SER B 238 -45.87 3.63 -7.76
N LEU B 239 -45.12 2.92 -6.89
CA LEU B 239 -44.18 1.86 -7.36
C LEU B 239 -44.88 0.60 -7.84
N SER B 240 -44.44 0.02 -8.94
CA SER B 240 -45.06 -1.22 -9.42
C SER B 240 -44.62 -2.40 -8.60
N GLU B 241 -45.17 -3.58 -8.93
CA GLU B 241 -44.88 -4.80 -8.20
C GLU B 241 -43.39 -5.11 -8.37
N GLN B 242 -42.92 -5.09 -9.61
CA GLN B 242 -41.54 -5.38 -10.00
C GLN B 242 -40.55 -4.34 -9.44
N GLU B 243 -40.89 -3.06 -9.56
CA GLU B 243 -40.07 -1.98 -9.02
C GLU B 243 -39.77 -2.14 -7.51
N LEU B 244 -40.83 -2.33 -6.73
CA LEU B 244 -40.75 -2.52 -5.32
C LEU B 244 -39.73 -3.59 -5.02
N LEU B 245 -39.92 -4.73 -5.66
CA LEU B 245 -39.07 -5.87 -5.49
C LEU B 245 -37.59 -5.56 -5.74
N ASP B 246 -37.31 -4.91 -6.89
CA ASP B 246 -35.96 -4.58 -7.29
C ASP B 246 -35.35 -3.45 -6.42
N LEU B 247 -36.21 -2.54 -5.91
CA LEU B 247 -35.79 -1.45 -5.02
C LEU B 247 -35.45 -2.08 -3.66
N ALA B 248 -36.32 -2.98 -3.20
CA ALA B 248 -36.13 -3.65 -1.90
C ALA B 248 -34.81 -4.40 -1.90
N ILE B 249 -34.60 -5.24 -2.93
CA ILE B 249 -33.44 -6.08 -2.95
C ILE B 249 -32.21 -5.24 -3.32
N GLY B 250 -32.44 -4.20 -4.10
CA GLY B 250 -31.39 -3.27 -4.38
C GLY B 250 -30.87 -2.50 -3.17
N LEU B 251 -31.77 -2.13 -2.26
CA LEU B 251 -31.38 -1.46 -1.03
C LEU B 251 -30.49 -2.34 -0.13
N LEU B 252 -30.84 -3.62 -0.06
CA LEU B 252 -30.07 -4.61 0.66
C LEU B 252 -28.66 -4.67 0.12
N VAL B 253 -28.45 -4.71 -1.21
CA VAL B 253 -27.07 -4.80 -1.66
C VAL B 253 -26.28 -3.52 -1.58
N ALA B 254 -26.90 -2.39 -1.89
CA ALA B 254 -26.17 -1.15 -1.88
C ALA B 254 -25.77 -0.79 -0.45
N GLY B 255 -26.52 -1.35 0.49
CA GLY B 255 -26.45 -1.01 1.84
C GLY B 255 -25.57 -1.92 2.68
N TYR B 256 -25.11 -3.03 2.10
CA TYR B 256 -24.52 -4.09 2.87
C TYR B 256 -23.00 -3.97 2.78
N GLU B 257 -22.43 -4.34 1.64
CA GLU B 257 -20.99 -4.35 1.47
C GLU B 257 -20.28 -3.06 1.81
N SER B 258 -20.77 -1.93 1.29
CA SER B 258 -20.10 -0.64 1.57
C SER B 258 -20.05 -0.28 3.06
N THR B 259 -21.17 -0.49 3.79
CA THR B 259 -21.24 -0.15 5.26
C THR B 259 -20.31 -1.17 6.08
N THR B 260 -20.42 -2.46 5.75
CA THR B 260 -19.50 -3.46 6.30
C THR B 260 -18.07 -3.11 6.12
N THR B 261 -17.73 -2.69 4.90
CA THR B 261 -16.34 -2.41 4.63
C THR B 261 -15.88 -1.15 5.42
N GLN B 262 -16.75 -0.16 5.46
CA GLN B 262 -16.45 1.07 6.16
C GLN B 262 -16.41 0.84 7.69
N ILE B 263 -17.26 -0.06 8.25
CA ILE B 263 -17.06 -0.48 9.66
C ILE B 263 -15.62 -1.00 9.83
N ALA B 264 -15.23 -1.96 9.00
CA ALA B 264 -13.91 -2.60 9.13
C ALA B 264 -12.80 -1.58 9.06
N ASP B 265 -12.93 -0.59 8.17
CA ASP B 265 -11.83 0.28 7.91
C ASP B 265 -11.78 1.30 9.08
N PHE B 266 -12.93 1.78 9.54
CA PHE B 266 -12.97 2.69 10.73
C PHE B 266 -12.38 2.09 12.02
N VAL B 267 -12.75 0.85 12.29
CA VAL B 267 -12.20 0.15 13.44
C VAL B 267 -10.71 -0.14 13.25
N TYR B 268 -10.30 -0.64 12.07
CA TYR B 268 -8.87 -0.76 11.78
C TYR B 268 -8.13 0.54 12.08
N LEU B 269 -8.69 1.66 11.66
CA LEU B 269 -7.99 2.91 11.95
C LEU B 269 -7.94 3.25 13.45
N LEU B 270 -9.04 3.06 14.15
CA LEU B 270 -9.04 3.31 15.58
C LEU B 270 -8.04 2.45 16.36
N MET B 271 -7.89 1.20 15.95
CA MET B 271 -6.94 0.33 16.60
C MET B 271 -5.48 0.67 16.25
N THR B 272 -5.21 1.44 15.19
CA THR B 272 -3.83 1.68 14.78
C THR B 272 -3.41 3.13 14.99
N ARG B 273 -4.40 4.00 15.27
CA ARG B 273 -4.13 5.39 15.59
C ARG B 273 -4.57 5.76 16.99
N PRO B 274 -3.67 5.54 17.97
CA PRO B 274 -4.02 5.61 19.39
C PRO B 274 -4.57 6.94 19.77
N GLU B 275 -4.08 8.06 19.23
CA GLU B 275 -4.66 9.37 19.62
C GLU B 275 -6.13 9.50 19.20
N LEU B 276 -6.49 8.98 18.04
CA LEU B 276 -7.91 8.96 17.60
C LEU B 276 -8.82 8.09 18.50
N ARG B 277 -8.36 6.89 18.85
CA ARG B 277 -9.02 6.05 19.84
C ARG B 277 -9.20 6.74 21.18
N ARG B 278 -8.12 7.36 21.67
CA ARG B 278 -8.13 8.10 22.90
C ARG B 278 -9.14 9.25 22.85
N GLN B 279 -9.22 10.00 21.74
CA GLN B 279 -10.11 11.15 21.80
C GLN B 279 -11.57 10.73 21.87
N LEU B 280 -11.90 9.61 21.23
CA LEU B 280 -13.29 9.14 21.17
C LEU B 280 -13.75 8.42 22.43
N LEU B 281 -12.83 7.68 23.08
CA LEU B 281 -13.03 7.18 24.46
C LEU B 281 -13.24 8.36 25.43
N ASP B 282 -12.44 9.43 25.33
CA ASP B 282 -12.64 10.58 26.23
C ASP B 282 -13.90 11.36 25.96
N ARG B 283 -14.25 11.47 24.68
CA ARG B 283 -15.35 12.34 24.29
C ARG B 283 -16.25 11.63 23.25
N PRO B 284 -17.12 10.73 23.72
CA PRO B 284 -17.98 9.94 22.83
C PRO B 284 -18.88 10.86 22.00
N GLU B 285 -19.10 12.09 22.48
CA GLU B 285 -19.93 13.01 21.72
C GLU B 285 -19.25 13.41 20.42
N LEU B 286 -17.92 13.15 20.28
CA LEU B 286 -17.23 13.41 19.01
C LEU B 286 -17.51 12.36 17.92
N ILE B 287 -18.11 11.24 18.25
CA ILE B 287 -18.33 10.21 17.26
C ILE B 287 -18.98 10.61 15.89
N PRO B 288 -20.17 11.28 15.89
CA PRO B 288 -20.76 11.82 14.64
C PRO B 288 -19.73 12.52 13.72
N SER B 289 -18.90 13.36 14.33
CA SER B 289 -17.93 14.17 13.64
C SER B 289 -16.83 13.30 13.13
N ALA B 290 -16.45 12.31 13.95
CA ALA B 290 -15.41 11.41 13.59
C ALA B 290 -15.85 10.56 12.38
N VAL B 291 -17.08 10.05 12.41
CA VAL B 291 -17.63 9.28 11.26
C VAL B 291 -17.58 10.12 9.94
N GLU B 292 -17.84 11.41 10.05
CA GLU B 292 -17.72 12.31 8.91
C GLU B 292 -16.26 12.46 8.42
N GLU B 293 -15.35 12.75 9.36
CA GLU B 293 -13.97 12.88 9.06
C GLU B 293 -13.37 11.59 8.53
N LEU B 294 -13.74 10.42 9.05
CA LEU B 294 -13.25 9.19 8.47
C LEU B 294 -13.86 8.84 7.08
N THR B 295 -15.12 9.22 6.86
CA THR B 295 -15.78 9.05 5.58
C THR B 295 -15.02 9.91 4.57
N ARG B 296 -14.64 11.13 4.97
CA ARG B 296 -13.78 11.93 4.15
C ARG B 296 -12.43 11.25 3.88
N TRP B 297 -11.74 10.82 4.93
CA TRP B 297 -10.33 10.46 4.79
C TRP B 297 -10.13 9.12 4.09
N VAL B 298 -10.97 8.16 4.39
CA VAL B 298 -10.78 6.79 3.84
C VAL B 298 -11.06 6.69 2.31
N PRO B 299 -10.00 6.42 1.47
CA PRO B 299 -10.20 6.21 0.04
C PRO B 299 -10.71 4.78 -0.11
N LEU B 300 -12.01 4.68 0.10
CA LEU B 300 -12.65 3.43 0.18
C LEU B 300 -12.58 2.67 -1.15
N GLY B 301 -12.89 3.36 -2.26
CA GLY B 301 -12.85 2.69 -3.56
C GLY B 301 -11.42 2.40 -4.00
N VAL B 302 -11.17 1.24 -4.62
CA VAL B 302 -9.90 1.01 -5.36
C VAL B 302 -9.69 2.19 -6.40
N GLY B 303 -10.80 2.55 -7.06
CA GLY B 303 -10.86 3.43 -8.20
C GLY B 303 -11.77 4.63 -7.97
N THR B 304 -12.62 4.96 -8.93
CA THR B 304 -13.40 6.19 -8.79
C THR B 304 -14.88 5.85 -8.62
N ALA B 305 -15.74 6.85 -8.54
CA ALA B 305 -17.19 6.61 -8.77
C ALA B 305 -17.42 5.93 -10.17
N VAL B 306 -18.50 5.12 -10.34
CA VAL B 306 -18.85 4.50 -11.66
C VAL B 306 -18.93 5.57 -12.74
N PRO B 307 -18.54 5.23 -13.98
CA PRO B 307 -18.28 6.24 -15.02
C PRO B 307 -19.53 7.02 -15.39
N ARG B 308 -19.33 8.31 -15.59
CA ARG B 308 -20.33 9.16 -16.20
C ARG B 308 -19.93 9.37 -17.68
N TYR B 309 -20.91 9.76 -18.48
CA TYR B 309 -20.70 9.89 -19.90
C TYR B 309 -21.18 11.25 -20.32
N ALA B 310 -20.37 12.01 -21.04
CA ALA B 310 -20.79 13.33 -21.43
C ALA B 310 -21.95 13.19 -22.51
N VAL B 311 -23.06 13.88 -22.31
CA VAL B 311 -24.12 13.90 -23.29
C VAL B 311 -23.79 14.64 -24.57
N GLU B 312 -22.81 15.55 -24.54
CA GLU B 312 -22.42 16.39 -25.67
C GLU B 312 -21.02 16.87 -25.29
N ASP B 313 -20.21 17.40 -26.23
CA ASP B 313 -18.90 17.95 -25.94
C ASP B 313 -18.99 18.94 -24.77
N VAL B 314 -18.16 18.73 -23.75
CA VAL B 314 -18.10 19.65 -22.57
C VAL B 314 -16.62 20.03 -22.32
N THR B 315 -16.37 21.25 -21.83
CA THR B 315 -15.03 21.59 -21.42
C THR B 315 -14.93 21.42 -19.90
N LEU B 316 -13.89 20.76 -19.45
CA LEU B 316 -13.67 20.66 -18.02
C LEU B 316 -12.24 21.05 -17.74
N ARG B 317 -12.06 22.14 -17.02
CA ARG B 317 -10.74 22.75 -16.81
C ARG B 317 -9.97 22.95 -18.07
N GLY B 318 -10.66 23.44 -19.11
CA GLY B 318 -10.04 23.69 -20.41
C GLY B 318 -9.72 22.44 -21.24
N VAL B 319 -10.07 21.25 -20.79
CA VAL B 319 -9.92 20.09 -21.67
C VAL B 319 -11.23 19.57 -22.26
N THR B 320 -11.22 19.37 -23.55
CA THR B 320 -12.47 19.07 -24.20
C THR B 320 -12.84 17.62 -23.99
N ILE B 321 -14.00 17.38 -23.40
CA ILE B 321 -14.45 16.01 -23.21
C ILE B 321 -15.55 15.76 -24.22
N ARG B 322 -15.26 14.94 -25.23
CA ARG B 322 -16.25 14.69 -26.28
C ARG B 322 -17.44 13.89 -25.81
N ALA B 323 -18.58 14.13 -26.44
CA ALA B 323 -19.82 13.46 -26.18
C ALA B 323 -19.55 11.98 -26.13
N GLY B 324 -20.06 11.31 -25.12
CA GLY B 324 -19.91 9.82 -25.08
C GLY B 324 -18.68 9.28 -24.34
N GLU B 325 -17.68 10.12 -24.10
CA GLU B 325 -16.39 9.67 -23.48
C GLU B 325 -16.67 9.34 -22.03
N PRO B 326 -16.09 8.25 -21.49
CA PRO B 326 -16.37 8.01 -20.04
C PRO B 326 -15.52 8.89 -19.18
N VAL B 327 -16.11 9.29 -18.06
CA VAL B 327 -15.47 10.23 -17.10
C VAL B 327 -15.47 9.55 -15.67
N LEU B 328 -14.25 9.29 -15.14
CA LEU B 328 -14.00 8.64 -13.82
C LEU B 328 -13.69 9.77 -12.82
N ALA B 329 -14.62 10.01 -11.90
CA ALA B 329 -14.58 11.06 -10.92
C ALA B 329 -14.16 10.45 -9.55
N SER B 330 -12.93 10.71 -9.14
CA SER B 330 -12.39 10.09 -7.91
C SER B 330 -12.84 10.86 -6.68
N THR B 331 -13.81 10.31 -5.94
CA THR B 331 -14.23 10.96 -4.69
C THR B 331 -13.12 10.72 -3.68
N GLY B 332 -12.44 9.58 -3.79
CA GLY B 332 -11.27 9.32 -2.94
C GLY B 332 -10.26 10.46 -2.98
N ALA B 333 -9.85 10.88 -4.19
CA ALA B 333 -8.83 11.95 -4.36
C ALA B 333 -9.39 13.30 -4.05
N ALA B 334 -10.67 13.46 -4.41
CA ALA B 334 -11.35 14.75 -4.14
C ALA B 334 -11.38 15.10 -2.65
N ASN B 335 -11.74 14.08 -1.85
CA ASN B 335 -11.81 14.18 -0.36
C ASN B 335 -10.44 14.41 0.29
N ARG B 336 -9.38 14.16 -0.48
CA ARG B 336 -7.99 14.33 -0.06
C ARG B 336 -7.27 15.54 -0.72
N ASP B 337 -8.07 16.42 -1.33
CA ASP B 337 -7.56 17.55 -2.09
C ASP B 337 -7.16 18.64 -1.10
N GLN B 338 -5.88 19.04 -1.10
CA GLN B 338 -5.39 20.20 -0.31
C GLN B 338 -6.06 21.53 -0.63
N ALA B 339 -6.56 21.67 -1.85
CA ALA B 339 -7.26 22.91 -2.23
C ALA B 339 -8.61 23.08 -1.50
N GLN B 340 -9.21 21.96 -1.03
CA GLN B 340 -10.51 22.00 -0.31
C GLN B 340 -10.38 21.83 1.22
N PHE B 341 -9.42 20.99 1.62
CA PHE B 341 -9.33 20.51 3.00
C PHE B 341 -7.94 20.86 3.45
N PRO B 342 -7.83 21.85 4.36
CA PRO B 342 -6.50 22.16 4.90
C PRO B 342 -5.89 20.93 5.52
N ASP B 343 -4.63 20.68 5.24
CA ASP B 343 -4.03 19.51 5.80
C ASP B 343 -4.80 18.22 5.52
N ALA B 344 -5.08 18.02 4.25
CA ALA B 344 -6.00 17.00 3.81
C ALA B 344 -5.59 15.58 4.17
N ASP B 345 -4.32 15.29 4.33
CA ASP B 345 -3.94 13.93 4.65
C ASP B 345 -3.99 13.60 6.16
N ARG B 346 -4.40 14.60 6.95
CA ARG B 346 -4.46 14.43 8.39
C ARG B 346 -5.89 14.23 8.82
N ILE B 347 -6.10 13.21 9.65
CA ILE B 347 -7.37 12.90 10.27
C ILE B 347 -7.62 13.80 11.47
N ASP B 348 -8.61 14.67 11.37
CA ASP B 348 -8.92 15.54 12.48
C ASP B 348 -10.39 15.35 12.78
N VAL B 349 -10.71 14.73 13.93
CA VAL B 349 -12.13 14.52 14.24
C VAL B 349 -12.92 15.83 14.42
N ASP B 350 -12.25 16.94 14.69
CA ASP B 350 -13.01 18.18 14.76
C ASP B 350 -13.01 19.00 13.49
N ARG B 351 -12.70 18.37 12.35
CA ARG B 351 -12.62 19.09 11.09
C ARG B 351 -13.94 19.74 10.82
N THR B 352 -13.90 21.06 10.60
CA THR B 352 -15.05 21.89 10.19
C THR B 352 -14.51 23.01 9.29
N PRO B 353 -15.22 23.29 8.17
CA PRO B 353 -16.34 22.47 7.62
C PRO B 353 -15.79 21.15 7.05
N ASN B 354 -16.68 20.24 6.66
CA ASN B 354 -16.28 18.97 6.10
C ASN B 354 -17.34 18.54 5.07
N GLN B 355 -17.41 19.31 3.99
CA GLN B 355 -18.31 19.07 2.80
C GLN B 355 -17.81 17.95 1.84
N HIS B 356 -17.58 16.79 2.42
CA HIS B 356 -16.92 15.74 1.69
C HIS B 356 -17.85 15.05 0.71
N LEU B 357 -17.24 14.26 -0.17
CA LEU B 357 -18.00 13.58 -1.25
C LEU B 357 -18.06 12.09 -1.07
N GLY B 358 -17.82 11.57 0.15
CA GLY B 358 -17.81 10.08 0.41
C GLY B 358 -19.20 9.41 0.25
N PHE B 359 -20.27 10.19 0.28
CA PHE B 359 -21.60 9.70 -0.08
C PHE B 359 -22.13 10.20 -1.49
N GLY B 360 -21.24 10.53 -2.38
CA GLY B 360 -21.60 11.04 -3.65
C GLY B 360 -22.09 12.48 -3.59
N HIS B 361 -22.62 12.92 -4.71
CA HIS B 361 -23.11 14.30 -4.81
C HIS B 361 -23.98 14.28 -6.07
N GLY B 362 -24.95 15.19 -6.13
CA GLY B 362 -25.93 15.26 -7.23
C GLY B 362 -27.04 14.23 -7.14
N VAL B 363 -27.65 13.87 -8.28
CA VAL B 363 -28.93 13.19 -8.17
C VAL B 363 -28.75 11.74 -7.68
N HIS B 364 -27.55 11.20 -7.82
CA HIS B 364 -27.37 9.85 -7.35
C HIS B 364 -26.72 9.76 -5.98
N HIS B 365 -26.65 10.89 -5.28
N HIS B 365 -26.60 10.88 -5.29
CA HIS B 365 -26.20 10.96 -3.86
CA HIS B 365 -26.00 10.88 -3.96
C HIS B 365 -26.75 9.77 -3.06
C HIS B 365 -26.70 9.83 -3.05
N CYS B 366 -25.90 9.16 -2.22
CA CYS B 366 -26.28 7.96 -1.49
C CYS B 366 -27.62 8.17 -0.82
N LEU B 367 -28.63 7.39 -1.17
CA LEU B 367 -29.91 7.62 -0.44
C LEU B 367 -30.03 6.91 0.90
N GLY B 368 -29.10 5.99 1.17
CA GLY B 368 -28.94 5.37 2.48
C GLY B 368 -28.08 6.19 3.44
N ALA B 369 -27.59 7.37 3.03
CA ALA B 369 -26.57 8.08 3.86
C ALA B 369 -27.02 8.33 5.34
N PRO B 370 -28.28 8.74 5.54
CA PRO B 370 -28.68 8.96 6.94
C PRO B 370 -28.59 7.66 7.71
N LEU B 371 -29.03 6.55 7.15
CA LEU B 371 -28.93 5.28 7.87
C LEU B 371 -27.46 4.80 8.05
N ALA B 372 -26.62 5.03 7.03
CA ALA B 372 -25.22 4.61 7.12
C ALA B 372 -24.54 5.38 8.24
N ARG B 373 -24.81 6.68 8.32
CA ARG B 373 -24.30 7.48 9.42
C ARG B 373 -24.77 6.85 10.76
N VAL B 374 -26.04 6.46 10.84
CA VAL B 374 -26.51 5.84 12.10
C VAL B 374 -25.67 4.57 12.38
N GLU B 375 -25.54 3.68 11.38
CA GLU B 375 -24.84 2.43 11.63
C GLU B 375 -23.39 2.65 12.01
N LEU B 376 -22.73 3.60 11.38
CA LEU B 376 -21.31 3.80 11.66
C LEU B 376 -21.03 4.45 13.04
N GLN B 377 -21.91 5.39 13.38
CA GLN B 377 -21.90 6.03 14.68
C GLN B 377 -22.17 4.94 15.79
N VAL B 378 -23.20 4.11 15.59
CA VAL B 378 -23.53 3.04 16.52
C VAL B 378 -22.37 2.04 16.59
N ALA B 379 -21.72 1.72 15.46
CA ALA B 379 -20.64 0.72 15.47
C ALA B 379 -19.48 1.21 16.37
N LEU B 380 -19.08 2.46 16.16
CA LEU B 380 -18.03 3.06 16.98
C LEU B 380 -18.44 3.18 18.45
N GLU B 381 -19.64 3.68 18.68
CA GLU B 381 -20.15 3.94 20.05
C GLU B 381 -20.20 2.63 20.86
N VAL B 382 -20.78 1.57 20.28
CA VAL B 382 -20.95 0.33 21.02
C VAL B 382 -19.59 -0.38 21.22
N LEU B 383 -18.76 -0.50 20.18
CA LEU B 383 -17.48 -1.17 20.36
C LEU B 383 -16.59 -0.45 21.42
N LEU B 384 -16.57 0.88 21.40
CA LEU B 384 -15.68 1.62 22.30
C LEU B 384 -16.29 1.64 23.69
N GLN B 385 -17.61 1.52 23.76
CA GLN B 385 -18.34 1.41 25.00
C GLN B 385 -18.08 0.06 25.69
N ARG B 386 -18.14 -1.01 24.91
CA ARG B 386 -17.97 -2.39 25.40
C ARG B 386 -16.56 -2.94 25.42
N LEU B 387 -15.77 -2.57 24.40
CA LEU B 387 -14.42 -3.07 24.27
C LEU B 387 -13.43 -1.91 24.21
N PRO B 388 -13.31 -1.12 25.29
CA PRO B 388 -12.48 0.11 25.13
C PRO B 388 -10.96 -0.22 24.95
N GLY B 389 -10.55 -1.44 25.29
CA GLY B 389 -9.18 -1.92 25.07
C GLY B 389 -8.99 -2.71 23.76
N ILE B 390 -9.98 -2.66 22.83
CA ILE B 390 -9.87 -3.39 21.57
C ILE B 390 -8.60 -3.00 20.80
N ARG B 391 -7.97 -4.00 20.20
CA ARG B 391 -6.71 -3.73 19.50
C ARG B 391 -6.41 -4.96 18.72
N LEU B 392 -5.41 -4.86 17.86
CA LEU B 392 -5.12 -5.95 16.96
C LEU B 392 -4.66 -7.20 17.70
N GLY B 393 -5.06 -8.36 17.21
CA GLY B 393 -4.63 -9.57 17.83
C GLY B 393 -3.46 -10.17 17.04
N ILE B 394 -3.06 -9.53 15.95
CA ILE B 394 -1.81 -9.89 15.25
C ILE B 394 -1.16 -8.59 14.76
N PRO B 395 0.14 -8.60 14.35
CA PRO B 395 0.79 -7.39 13.80
C PRO B 395 0.06 -6.85 12.56
N GLU B 396 -0.05 -5.53 12.45
CA GLU B 396 -0.77 -4.85 11.36
C GLU B 396 -0.19 -5.37 10.05
N THR B 397 1.11 -5.69 10.09
CA THR B 397 1.83 -6.07 8.88
C THR B 397 1.36 -7.43 8.40
N GLN B 398 0.63 -8.15 9.26
CA GLN B 398 0.19 -9.51 8.89
C GLN B 398 -1.31 -9.56 8.52
N LEU B 399 -1.97 -8.41 8.60
CA LEU B 399 -3.36 -8.34 8.18
C LEU B 399 -3.46 -8.80 6.75
N ARG B 400 -4.50 -9.57 6.44
CA ARG B 400 -4.89 -9.86 5.06
C ARG B 400 -5.97 -8.93 4.54
N TRP B 401 -5.79 -8.50 3.29
CA TRP B 401 -6.69 -7.50 2.66
C TRP B 401 -7.58 -8.11 1.59
N SER B 402 -8.80 -7.55 1.45
CA SER B 402 -9.69 -8.01 0.35
C SER B 402 -9.09 -7.74 -1.02
N GLU B 403 -9.28 -8.72 -1.90
CA GLU B 403 -9.04 -8.61 -3.36
C GLU B 403 -10.32 -8.69 -4.18
N GLY B 404 -11.45 -8.22 -3.62
CA GLY B 404 -12.69 -8.11 -4.39
C GLY B 404 -12.53 -7.12 -5.55
N MET B 405 -11.57 -6.19 -5.41
CA MET B 405 -11.13 -5.22 -6.49
C MET B 405 -12.02 -4.00 -6.68
N LEU B 406 -12.99 -3.83 -5.79
CA LEU B 406 -13.95 -2.73 -5.87
C LEU B 406 -13.78 -1.78 -4.68
N LEU B 407 -13.82 -2.34 -3.45
CA LEU B 407 -13.59 -1.53 -2.26
C LEU B 407 -12.42 -2.10 -1.50
N ARG B 408 -11.81 -1.27 -0.68
CA ARG B 408 -10.64 -1.65 0.09
C ARG B 408 -10.99 -1.84 1.58
N GLY B 409 -10.57 -2.98 2.15
CA GLY B 409 -10.72 -3.19 3.57
C GLY B 409 -10.20 -4.57 3.95
N PRO B 410 -9.99 -4.81 5.26
CA PRO B 410 -9.41 -6.12 5.65
C PRO B 410 -10.35 -7.32 5.49
N LEU B 411 -9.77 -8.42 5.05
CA LEU B 411 -10.50 -9.68 4.95
C LEU B 411 -10.93 -10.18 6.32
N GLU B 412 -10.02 -10.00 7.30
CA GLU B 412 -10.14 -10.44 8.67
C GLU B 412 -9.43 -9.42 9.53
N LEU B 413 -9.91 -9.29 10.75
CA LEU B 413 -9.40 -8.30 11.72
C LEU B 413 -9.43 -9.01 13.08
N PRO B 414 -8.46 -9.90 13.33
CA PRO B 414 -8.40 -10.60 14.63
C PRO B 414 -8.19 -9.51 15.67
N VAL B 415 -9.11 -9.39 16.63
CA VAL B 415 -9.01 -8.46 17.73
C VAL B 415 -8.94 -9.16 19.13
N VAL B 416 -8.38 -8.40 20.08
CA VAL B 416 -8.33 -8.81 21.50
C VAL B 416 -8.67 -7.54 22.23
N TRP B 417 -9.00 -7.72 23.50
CA TRP B 417 -9.44 -6.60 24.28
C TRP B 417 -9.29 -7.08 25.71
#